data_8CME
#
_entry.id   8CME
#
_cell.length_a   113.374
_cell.length_b   156.766
_cell.length_c   165.454
_cell.angle_alpha   90.000
_cell.angle_beta   90.000
_cell.angle_gamma   90.000
#
_symmetry.space_group_name_H-M   'C 2 2 21'
#
loop_
_entity.id
_entity.type
_entity.pdbx_description
1 polymer 'HLA class II histocompatibility antigen, DR alpha chain'
2 polymer 'Human leukocyte antigen DR beta chain allotype DR1 (DRB1*0101)'
3 polymer 'Membrane protein'
4 non-polymer '2-(N-MORPHOLINO)-ETHANESULFONIC ACID'
5 non-polymer 1,2-ETHANEDIOL
6 water water
#
loop_
_entity_poly.entity_id
_entity_poly.type
_entity_poly.pdbx_seq_one_letter_code
_entity_poly.pdbx_strand_id
1 'polypeptide(L)'
;MIKEEHVIIQAEFYLNPDQSGEFMFDFDGDEIFHVDMAKKETVWRLEEFGRFASFEAQGALANIAVDKANLEIMTKRSNY
TPITNVPPEVTVLTNSPVELREPNVLICFIDKFTPPVVNVTWLRNGKPVTTGVSETVFLPREDHLFRKFHYLPFLPSTED
VYDCRVEHWGLDEPLLKHWEFDA
;
A,D,G
2 'polypeptide(L)'
;MGSMGDTRPRFLWQLKFECHFFNGTERVRLLERCIYNQEESVRFDSDVGEYRAVTELGRPDAEYWNSQKDLLEQRRAAVD
TYCRHNYGVGESFTVQRRVEPKVTVYPSKTQPLQHHNLLVCSVSGFYPGSIEVRWFRNGQEEKAGVVSTGLIQNGDWTFQ
TLVMLETVPRSGEVYTCQVEHPSVTSPLTVEWRA
;
B,E,H
3 'polypeptide(L)' LSYYKLGASQRVAGD C,F,I
#
# COMPACT_ATOMS: atom_id res chain seq x y z
N ILE A 2 19.15 6.58 25.61
CA ILE A 2 18.92 5.42 24.77
C ILE A 2 20.06 5.27 23.75
N LYS A 3 20.92 6.30 23.67
CA LYS A 3 22.04 6.25 22.73
C LYS A 3 23.10 5.25 23.20
N GLU A 4 23.45 5.29 24.48
CA GLU A 4 24.38 4.34 25.05
C GLU A 4 23.71 3.06 25.53
N GLU A 5 22.38 3.04 25.63
CA GLU A 5 21.68 1.91 26.21
C GLU A 5 21.33 0.86 25.15
N HIS A 6 21.53 -0.41 25.50
CA HIS A 6 20.98 -1.51 24.74
C HIS A 6 20.21 -2.41 25.69
N VAL A 7 19.28 -3.17 25.15
CA VAL A 7 18.41 -4.04 25.92
C VAL A 7 18.34 -5.39 25.24
N ILE A 8 18.65 -6.45 25.98
CA ILE A 8 18.49 -7.82 25.53
C ILE A 8 17.39 -8.45 26.36
N ILE A 9 16.41 -9.04 25.69
CA ILE A 9 15.26 -9.62 26.37
C ILE A 9 15.10 -11.07 25.97
N GLN A 10 15.06 -11.96 26.96
CA GLN A 10 14.63 -13.33 26.73
C GLN A 10 13.14 -13.37 27.05
N ALA A 11 12.32 -13.56 26.02
CA ALA A 11 10.88 -13.51 26.16
C ALA A 11 10.30 -14.86 25.78
N GLU A 12 9.42 -15.39 26.64
CA GLU A 12 8.78 -16.67 26.41
C GLU A 12 7.35 -16.60 26.90
N PHE A 13 6.51 -17.47 26.36
CA PHE A 13 5.14 -17.55 26.83
C PHE A 13 4.56 -18.93 26.59
N TYR A 14 3.44 -19.17 27.27
CA TYR A 14 2.58 -20.32 27.03
C TYR A 14 1.14 -19.84 27.03
N LEU A 15 0.36 -20.37 26.10
CA LEU A 15 -1.03 -19.97 25.90
C LEU A 15 -1.92 -21.21 25.92
N ASN A 16 -2.97 -21.16 26.73
CA ASN A 16 -4.02 -22.15 26.86
C ASN A 16 -5.35 -21.57 26.38
N PRO A 17 -6.22 -22.39 25.77
CA PRO A 17 -6.10 -23.84 25.63
C PRO A 17 -5.33 -24.25 24.38
N ASP A 18 -4.78 -23.27 23.66
CA ASP A 18 -4.11 -23.58 22.41
C ASP A 18 -2.87 -24.43 22.61
N GLN A 19 -2.34 -24.50 23.84
CA GLN A 19 -1.10 -25.22 24.13
C GLN A 19 0.02 -24.73 23.23
N SER A 20 0.15 -23.41 23.13
CA SER A 20 1.14 -22.78 22.27
C SER A 20 2.25 -22.20 23.13
N GLY A 21 3.49 -22.44 22.73
CA GLY A 21 4.62 -21.93 23.49
C GLY A 21 5.59 -21.19 22.59
N GLU A 22 6.36 -20.30 23.21
CA GLU A 22 7.36 -19.54 22.47
C GLU A 22 8.52 -19.19 23.37
N PHE A 23 9.71 -19.16 22.77
CA PHE A 23 10.95 -18.80 23.44
C PHE A 23 11.82 -18.08 22.42
N MET A 24 12.25 -16.86 22.77
CA MET A 24 13.01 -16.07 21.81
C MET A 24 13.90 -15.07 22.56
N PHE A 25 14.89 -14.58 21.83
CA PHE A 25 15.75 -13.51 22.30
C PHE A 25 15.58 -12.30 21.39
N ASP A 26 15.61 -11.12 22.00
CA ASP A 26 15.33 -9.84 21.36
C ASP A 26 16.47 -8.91 21.72
N PHE A 27 16.97 -8.16 20.73
CA PHE A 27 18.00 -7.13 20.97
C PHE A 27 17.49 -5.82 20.39
N ASP A 28 17.23 -4.84 21.27
CA ASP A 28 16.76 -3.51 20.86
C ASP A 28 15.54 -3.64 19.94
N GLY A 29 14.68 -4.61 20.24
CA GLY A 29 13.44 -4.79 19.52
C GLY A 29 13.47 -5.73 18.35
N ASP A 30 14.64 -6.25 17.97
CA ASP A 30 14.76 -7.20 16.88
C ASP A 30 15.08 -8.59 17.40
N GLU A 31 14.45 -9.61 16.80
CA GLU A 31 14.65 -10.98 17.22
C GLU A 31 16.04 -11.49 16.86
N ILE A 32 16.76 -12.03 17.86
CA ILE A 32 18.04 -12.70 17.59
C ILE A 32 17.79 -14.13 17.13
N PHE A 33 16.98 -14.87 17.89
CA PHE A 33 16.58 -16.23 17.52
C PHE A 33 15.33 -16.59 18.30
N HIS A 34 14.69 -17.68 17.87
CA HIS A 34 13.65 -18.30 18.66
C HIS A 34 13.87 -19.81 18.60
N VAL A 35 13.09 -20.55 19.40
CA VAL A 35 13.17 -22.00 19.35
C VAL A 35 11.86 -22.53 18.75
N ASP A 36 11.99 -23.27 17.65
CA ASP A 36 10.88 -24.02 17.05
C ASP A 36 10.60 -25.26 17.89
N MET A 37 9.43 -25.28 18.53
CA MET A 37 9.05 -26.36 19.43
C MET A 37 8.80 -27.65 18.67
N ALA A 38 8.18 -27.56 17.50
CA ALA A 38 7.89 -28.76 16.72
C ALA A 38 9.19 -29.40 16.23
N LYS A 39 10.11 -28.60 15.73
CA LYS A 39 11.39 -29.12 15.26
C LYS A 39 12.42 -29.23 16.37
N LYS A 40 12.14 -28.65 17.54
CA LYS A 40 13.07 -28.64 18.67
C LYS A 40 14.41 -28.05 18.24
N GLU A 41 14.36 -26.87 17.61
CA GLU A 41 15.59 -26.32 17.04
C GLU A 41 15.70 -24.81 17.24
N THR A 42 16.95 -24.37 17.30
CA THR A 42 17.24 -22.95 17.35
C THR A 42 17.13 -22.40 15.94
N VAL A 43 16.36 -21.33 15.77
CA VAL A 43 16.19 -20.68 14.48
C VAL A 43 16.70 -19.26 14.62
N TRP A 44 17.83 -18.99 13.98
CA TRP A 44 18.44 -17.66 13.99
C TRP A 44 17.69 -16.75 13.02
N ARG A 45 17.51 -15.49 13.41
CA ARG A 45 16.75 -14.58 12.56
C ARG A 45 17.48 -14.29 11.26
N LEU A 46 18.80 -14.14 11.30
CA LEU A 46 19.65 -14.07 10.12
C LEU A 46 20.68 -15.19 10.21
N GLU A 47 21.05 -15.76 9.05
CA GLU A 47 21.93 -16.92 9.05
C GLU A 47 23.26 -16.62 9.71
N GLU A 48 23.82 -15.43 9.45
CA GLU A 48 25.15 -15.12 9.98
C GLU A 48 25.20 -15.22 11.49
N PHE A 49 24.06 -14.98 12.17
CA PHE A 49 24.07 -15.05 13.63
C PHE A 49 24.50 -16.44 14.08
N GLY A 50 23.96 -17.47 13.43
CA GLY A 50 24.27 -18.83 13.81
C GLY A 50 25.68 -19.24 13.54
N ARG A 51 26.46 -18.35 12.93
CA ARG A 51 27.87 -18.61 12.67
C ARG A 51 28.77 -17.90 13.67
N PHE A 52 28.22 -17.02 14.52
CA PHE A 52 28.95 -16.53 15.68
C PHE A 52 28.49 -17.13 17.00
N ALA A 53 27.25 -17.59 17.11
CA ALA A 53 26.73 -18.01 18.40
C ALA A 53 25.96 -19.32 18.25
N SER A 54 25.74 -19.96 19.39
CA SER A 54 24.98 -21.20 19.47
C SER A 54 24.06 -21.14 20.69
N PHE A 55 23.10 -22.06 20.73
CA PHE A 55 22.18 -22.15 21.85
C PHE A 55 21.68 -23.58 21.99
N GLU A 56 21.68 -24.08 23.22
CA GLU A 56 21.16 -25.42 23.53
C GLU A 56 19.64 -25.33 23.66
N ALA A 57 18.91 -25.79 22.64
CA ALA A 57 17.46 -25.60 22.60
C ALA A 57 16.72 -26.41 23.66
N GLN A 58 17.35 -27.46 24.21
CA GLN A 58 16.68 -28.26 25.21
C GLN A 58 16.33 -27.42 26.43
N GLY A 59 17.19 -26.46 26.77
CA GLY A 59 16.87 -25.58 27.88
C GLY A 59 15.61 -24.81 27.63
N ALA A 60 15.42 -24.35 26.38
CA ALA A 60 14.21 -23.63 26.04
C ALA A 60 12.99 -24.55 26.19
N LEU A 61 13.11 -25.80 25.74
CA LEU A 61 11.97 -26.71 25.86
C LEU A 61 11.63 -26.98 27.33
N ALA A 62 12.64 -27.14 28.17
CA ALA A 62 12.39 -27.36 29.59
C ALA A 62 11.75 -26.13 30.23
N ASN A 63 12.19 -24.94 29.79
CA ASN A 63 11.57 -23.71 30.26
C ASN A 63 10.10 -23.67 29.90
N ILE A 64 9.77 -24.03 28.66
CA ILE A 64 8.39 -23.99 28.20
C ILE A 64 7.53 -24.96 29.01
N ALA A 65 8.08 -26.14 29.35
CA ALA A 65 7.31 -27.06 30.19
C ALA A 65 6.99 -26.44 31.54
N VAL A 66 7.99 -25.77 32.14
CA VAL A 66 7.74 -25.10 33.42
C VAL A 66 6.71 -23.99 33.24
N ASP A 67 6.83 -23.23 32.13
CA ASP A 67 5.87 -22.17 31.86
C ASP A 67 4.46 -22.71 31.76
N LYS A 68 4.30 -23.87 31.13
CA LYS A 68 2.98 -24.50 31.03
C LYS A 68 2.40 -24.79 32.41
N ALA A 69 3.22 -25.42 33.28
CA ALA A 69 2.72 -25.74 34.62
C ALA A 69 2.36 -24.47 35.37
N ASN A 70 3.18 -23.43 35.20
CA ASN A 70 2.88 -22.16 35.84
C ASN A 70 1.61 -21.54 35.29
N LEU A 71 1.39 -21.66 33.98
CA LEU A 71 0.17 -21.13 33.37
C LEU A 71 -1.07 -21.79 33.94
N GLU A 72 -0.99 -23.09 34.23
CA GLU A 72 -2.18 -23.73 34.81
C GLU A 72 -2.41 -23.35 36.28
N ILE A 73 -1.32 -23.18 37.04
CA ILE A 73 -1.48 -22.75 38.43
C ILE A 73 -2.03 -21.32 38.52
N MET A 74 -1.46 -20.37 37.76
CA MET A 74 -1.90 -18.97 37.81
C MET A 74 -3.34 -18.83 37.32
N THR A 75 -3.74 -19.61 36.30
CA THR A 75 -5.12 -19.61 35.84
C THR A 75 -6.05 -20.00 36.97
N LYS A 76 -5.69 -21.06 37.71
CA LYS A 76 -6.54 -21.43 38.85
C LYS A 76 -6.55 -20.33 39.91
N ARG A 77 -5.40 -19.70 40.14
CA ARG A 77 -5.28 -18.73 41.23
C ARG A 77 -6.07 -17.45 40.93
N SER A 78 -6.23 -17.10 39.66
CA SER A 78 -6.97 -15.91 39.27
C SER A 78 -8.46 -16.17 39.13
N ASN A 79 -8.96 -17.27 39.69
CA ASN A 79 -10.35 -17.68 39.53
C ASN A 79 -10.70 -17.79 38.05
N TYR A 80 -9.76 -18.31 37.27
CA TYR A 80 -9.92 -18.57 35.84
C TYR A 80 -10.30 -17.30 35.08
N THR A 81 -9.59 -16.22 35.37
CA THR A 81 -9.79 -14.95 34.66
C THR A 81 -9.17 -15.02 33.27
N PRO A 82 -9.96 -14.86 32.20
CA PRO A 82 -9.39 -14.88 30.85
C PRO A 82 -8.83 -13.53 30.43
N ILE A 83 -7.94 -13.59 29.44
CA ILE A 83 -7.40 -12.38 28.84
C ILE A 83 -8.45 -11.70 27.98
N THR A 84 -8.43 -10.38 27.95
CA THR A 84 -9.28 -9.59 27.08
C THR A 84 -8.59 -9.35 25.74
N ASN A 85 -9.25 -9.73 24.65
CA ASN A 85 -8.71 -9.54 23.32
C ASN A 85 -8.39 -8.07 23.06
N VAL A 86 -7.19 -7.81 22.54
CA VAL A 86 -6.82 -6.51 22.03
C VAL A 86 -6.55 -6.68 20.55
N PRO A 87 -7.31 -6.03 19.66
CA PRO A 87 -7.17 -6.26 18.23
C PRO A 87 -5.93 -5.59 17.67
N PRO A 88 -5.34 -6.14 16.61
CA PRO A 88 -4.08 -5.60 16.09
C PRO A 88 -4.27 -4.43 15.14
N GLU A 89 -3.22 -3.63 15.03
CA GLU A 89 -3.06 -2.67 13.94
C GLU A 89 -2.28 -3.33 12.82
N VAL A 90 -2.69 -3.07 11.57
CA VAL A 90 -2.09 -3.71 10.40
C VAL A 90 -1.62 -2.63 9.44
N THR A 91 -0.39 -2.76 8.96
CA THR A 91 0.20 -1.87 7.97
C THR A 91 0.89 -2.67 6.89
N VAL A 92 0.79 -2.23 5.64
CA VAL A 92 1.46 -2.90 4.53
C VAL A 92 2.36 -1.89 3.83
N LEU A 93 3.63 -2.25 3.67
CA LEU A 93 4.62 -1.40 3.03
C LEU A 93 5.49 -2.27 2.13
N THR A 94 6.29 -1.64 1.28
CA THR A 94 7.33 -2.35 0.57
C THR A 94 8.66 -2.08 1.26
N ASN A 95 9.63 -2.97 1.07
CA ASN A 95 10.88 -2.79 1.78
C ASN A 95 11.87 -1.94 1.01
N SER A 96 11.57 -1.59 -0.23
CA SER A 96 12.40 -0.64 -0.97
C SER A 96 11.51 0.02 -2.02
N PRO A 97 11.97 1.14 -2.58
CA PRO A 97 11.17 1.80 -3.63
C PRO A 97 10.85 0.85 -4.77
N VAL A 98 9.62 0.94 -5.25
CA VAL A 98 9.10 -0.03 -6.19
C VAL A 98 9.56 0.32 -7.60
N GLU A 99 10.05 -0.67 -8.33
CA GLU A 99 10.41 -0.54 -9.73
C GLU A 99 9.72 -1.64 -10.52
N LEU A 100 9.05 -1.28 -11.61
CA LEU A 100 8.27 -2.26 -12.36
C LEU A 100 9.15 -3.41 -12.83
N ARG A 101 8.67 -4.63 -12.57
CA ARG A 101 9.29 -5.89 -13.00
C ARG A 101 10.67 -6.12 -12.37
N GLU A 102 10.95 -5.47 -11.24
CA GLU A 102 12.18 -5.73 -10.49
C GLU A 102 11.81 -6.24 -9.09
N PRO A 103 12.34 -7.39 -8.67
CA PRO A 103 11.87 -8.03 -7.43
C PRO A 103 11.86 -7.09 -6.23
N ASN A 104 10.86 -7.29 -5.36
CA ASN A 104 10.68 -6.49 -4.16
C ASN A 104 9.98 -7.37 -3.13
N VAL A 105 9.69 -6.79 -1.96
CA VAL A 105 9.05 -7.54 -0.88
C VAL A 105 7.98 -6.68 -0.22
N LEU A 106 6.78 -7.25 -0.07
CA LEU A 106 5.73 -6.65 0.74
C LEU A 106 5.89 -7.09 2.18
N ILE A 107 5.78 -6.12 3.09
CA ILE A 107 5.83 -6.32 4.54
C ILE A 107 4.45 -6.05 5.10
N CYS A 108 3.93 -7.01 5.85
CA CYS A 108 2.69 -6.88 6.60
C CYS A 108 3.09 -6.81 8.06
N PHE A 109 2.95 -5.62 8.64
CA PHE A 109 3.31 -5.38 10.04
C PHE A 109 2.03 -5.40 10.89
N ILE A 110 2.03 -6.28 11.91
CA ILE A 110 0.89 -6.51 12.78
C ILE A 110 1.33 -6.13 14.18
N ASP A 111 0.60 -5.22 14.83
CA ASP A 111 1.14 -4.58 16.02
C ASP A 111 0.09 -4.42 17.11
N LYS A 112 0.56 -4.40 18.36
CA LYS A 112 -0.25 -3.95 19.49
C LYS A 112 -1.49 -4.82 19.71
N PHE A 113 -1.29 -6.14 19.76
CA PHE A 113 -2.39 -7.07 19.96
C PHE A 113 -2.04 -8.12 21.00
N THR A 114 -3.07 -8.81 21.46
CA THR A 114 -2.98 -9.96 22.35
C THR A 114 -4.35 -10.63 22.37
N PRO A 115 -4.44 -11.96 22.57
CA PRO A 115 -3.37 -12.96 22.79
C PRO A 115 -2.55 -13.21 21.52
N PRO A 116 -1.42 -13.88 21.65
CA PRO A 116 -0.55 -14.11 20.47
C PRO A 116 -1.03 -15.25 19.59
N VAL A 117 -2.17 -15.03 18.92
CA VAL A 117 -2.73 -15.95 17.94
C VAL A 117 -3.33 -15.10 16.84
N VAL A 118 -2.88 -15.31 15.61
CA VAL A 118 -3.33 -14.50 14.49
C VAL A 118 -3.34 -15.39 13.25
N ASN A 119 -4.22 -15.08 12.31
CA ASN A 119 -4.27 -15.78 11.04
C ASN A 119 -4.02 -14.80 9.91
N VAL A 120 -2.95 -15.01 9.17
CA VAL A 120 -2.51 -14.06 8.15
C VAL A 120 -2.54 -14.75 6.80
N THR A 121 -3.08 -14.06 5.80
CA THR A 121 -3.14 -14.55 4.44
C THR A 121 -2.73 -13.44 3.48
N TRP A 122 -1.89 -13.76 2.51
CA TRP A 122 -1.62 -12.86 1.40
C TRP A 122 -2.58 -13.13 0.25
N LEU A 123 -3.13 -12.06 -0.32
CA LEU A 123 -4.04 -12.16 -1.44
C LEU A 123 -3.49 -11.34 -2.60
N ARG A 124 -3.32 -11.97 -3.75
CA ARG A 124 -3.04 -11.27 -4.99
C ARG A 124 -4.28 -11.37 -5.86
N ASN A 125 -4.87 -10.20 -6.17
CA ASN A 125 -6.10 -10.12 -6.94
C ASN A 125 -7.18 -11.01 -6.32
N GLY A 126 -7.25 -11.00 -5.00
CA GLY A 126 -8.23 -11.76 -4.23
C GLY A 126 -7.91 -13.22 -4.03
N LYS A 127 -6.76 -13.70 -4.51
CA LYS A 127 -6.43 -15.12 -4.47
C LYS A 127 -5.29 -15.39 -3.51
N PRO A 128 -5.40 -16.39 -2.63
CA PRO A 128 -4.33 -16.63 -1.66
C PRO A 128 -3.01 -16.95 -2.35
N VAL A 129 -1.94 -16.36 -1.81
CA VAL A 129 -0.58 -16.54 -2.31
C VAL A 129 0.26 -17.09 -1.18
N THR A 130 0.95 -18.19 -1.44
CA THR A 130 1.79 -18.83 -0.43
C THR A 130 3.23 -19.06 -0.90
N THR A 131 3.64 -18.49 -2.02
CA THR A 131 4.94 -18.81 -2.61
C THR A 131 5.99 -17.81 -2.12
N GLY A 132 7.07 -18.32 -1.53
CA GLY A 132 8.15 -17.49 -1.05
C GLY A 132 7.88 -16.75 0.25
N VAL A 133 6.70 -16.92 0.84
CA VAL A 133 6.36 -16.15 2.03
C VAL A 133 7.20 -16.61 3.22
N SER A 134 7.41 -15.67 4.15
CA SER A 134 8.11 -15.93 5.40
C SER A 134 7.49 -15.06 6.47
N GLU A 135 7.76 -15.41 7.74
CA GLU A 135 7.13 -14.72 8.83
C GLU A 135 7.99 -14.82 10.09
N THR A 136 7.77 -13.89 11.01
CA THR A 136 8.42 -13.90 12.31
C THR A 136 7.49 -14.51 13.35
N VAL A 137 8.05 -14.87 14.51
CA VAL A 137 7.23 -15.28 15.64
C VAL A 137 6.67 -14.01 16.28
N PHE A 138 5.92 -14.15 17.37
CA PHE A 138 5.33 -12.99 18.03
C PHE A 138 6.39 -12.27 18.85
N LEU A 139 6.54 -11.00 18.60
CA LEU A 139 7.61 -10.32 19.30
C LEU A 139 7.06 -9.55 20.52
N PRO A 140 7.84 -9.46 21.60
CA PRO A 140 7.34 -8.81 22.81
C PRO A 140 7.32 -7.30 22.70
N ARG A 141 6.41 -6.69 23.47
CA ARG A 141 6.26 -5.25 23.57
C ARG A 141 6.26 -4.86 25.05
N GLU A 142 6.73 -3.64 25.32
CA GLU A 142 6.78 -3.18 26.71
C GLU A 142 5.40 -3.12 27.35
N ASP A 143 4.34 -2.93 26.56
CA ASP A 143 3.01 -2.99 27.14
C ASP A 143 2.47 -4.41 27.22
N HIS A 144 3.32 -5.42 27.01
CA HIS A 144 2.99 -6.83 27.14
C HIS A 144 2.02 -7.30 26.07
N LEU A 145 1.86 -6.52 25.00
CA LEU A 145 1.20 -6.94 23.76
C LEU A 145 2.25 -7.56 22.83
N PHE A 146 1.88 -7.79 21.58
CA PHE A 146 2.80 -8.47 20.66
C PHE A 146 2.82 -7.77 19.32
N ARG A 147 3.92 -8.01 18.60
CA ARG A 147 4.15 -7.61 17.21
C ARG A 147 4.46 -8.84 16.37
N LYS A 148 4.22 -8.72 15.07
CA LYS A 148 4.48 -9.77 14.12
C LYS A 148 4.73 -9.15 12.74
N PHE A 149 5.59 -9.79 11.96
CA PHE A 149 5.87 -9.40 10.58
C PHE A 149 5.63 -10.59 9.66
N HIS A 150 4.96 -10.35 8.54
CA HIS A 150 4.85 -11.32 7.44
C HIS A 150 5.42 -10.72 6.16
N TYR A 151 6.00 -11.58 5.31
CA TYR A 151 6.70 -11.11 4.12
C TYR A 151 6.24 -11.85 2.87
N LEU A 152 6.13 -11.12 1.77
CA LEU A 152 5.74 -11.70 0.48
C LEU A 152 6.64 -11.14 -0.61
N PRO A 153 7.60 -11.91 -1.12
CA PRO A 153 8.35 -11.48 -2.30
C PRO A 153 7.42 -11.37 -3.50
N PHE A 154 7.65 -10.36 -4.34
CA PHE A 154 6.77 -10.20 -5.47
C PHE A 154 7.46 -9.40 -6.57
N LEU A 155 6.87 -9.48 -7.76
CA LEU A 155 7.34 -8.75 -8.93
C LEU A 155 6.37 -7.61 -9.22
N PRO A 156 6.71 -6.37 -8.91
CA PRO A 156 5.74 -5.28 -9.05
C PRO A 156 5.30 -5.11 -10.50
N SER A 157 3.99 -4.88 -10.67
CA SER A 157 3.42 -4.60 -11.97
C SER A 157 2.19 -3.72 -11.76
N THR A 158 1.77 -3.07 -12.84
CA THR A 158 0.55 -2.27 -12.81
C THR A 158 -0.72 -3.12 -12.77
N GLU A 159 -0.59 -4.45 -12.92
CA GLU A 159 -1.75 -5.31 -13.14
C GLU A 159 -2.20 -6.08 -11.89
N ASP A 160 -1.44 -6.06 -10.82
CA ASP A 160 -1.76 -6.83 -9.63
C ASP A 160 -2.06 -5.91 -8.46
N VAL A 161 -3.05 -6.30 -7.64
CA VAL A 161 -3.30 -5.69 -6.34
C VAL A 161 -3.06 -6.76 -5.28
N TYR A 162 -2.68 -6.33 -4.08
CA TYR A 162 -2.37 -7.25 -3.00
C TYR A 162 -3.11 -6.82 -1.73
N ASP A 163 -3.42 -7.80 -0.90
CA ASP A 163 -3.98 -7.52 0.40
C ASP A 163 -3.31 -8.43 1.41
N CYS A 164 -3.10 -7.89 2.60
CA CYS A 164 -2.77 -8.68 3.77
C CYS A 164 -4.05 -8.81 4.58
N ARG A 165 -4.53 -10.04 4.76
CA ARG A 165 -5.75 -10.31 5.50
C ARG A 165 -5.35 -10.87 6.86
N VAL A 166 -5.81 -10.22 7.92
CA VAL A 166 -5.49 -10.59 9.29
C VAL A 166 -6.78 -10.93 10.02
N GLU A 167 -6.78 -12.08 10.68
CA GLU A 167 -7.87 -12.52 11.54
C GLU A 167 -7.37 -12.59 12.98
N HIS A 168 -8.20 -12.09 13.90
CA HIS A 168 -7.87 -12.07 15.32
C HIS A 168 -9.17 -12.00 16.10
N TRP A 169 -9.18 -12.62 17.28
CA TRP A 169 -10.40 -12.70 18.08
C TRP A 169 -10.91 -11.33 18.54
N GLY A 170 -10.07 -10.29 18.48
CA GLY A 170 -10.50 -8.95 18.82
C GLY A 170 -11.16 -8.16 17.71
N LEU A 171 -11.14 -8.68 16.48
CA LEU A 171 -11.72 -8.02 15.32
C LEU A 171 -13.13 -8.54 15.07
N ASP A 172 -14.05 -7.63 14.76
CA ASP A 172 -15.40 -8.02 14.38
C ASP A 172 -15.43 -8.77 13.05
N GLU A 173 -14.49 -8.47 12.16
CA GLU A 173 -14.43 -9.13 10.86
C GLU A 173 -12.98 -9.16 10.42
N PRO A 174 -12.62 -10.05 9.49
CA PRO A 174 -11.24 -10.08 8.99
C PRO A 174 -10.84 -8.73 8.40
N LEU A 175 -9.62 -8.31 8.70
CA LEU A 175 -9.11 -7.00 8.31
C LEU A 175 -8.22 -7.13 7.09
N LEU A 176 -8.52 -6.38 6.03
CA LEU A 176 -7.71 -6.39 4.81
C LEU A 176 -7.00 -5.06 4.64
N LYS A 177 -5.67 -5.10 4.54
CA LYS A 177 -4.86 -3.94 4.24
C LYS A 177 -4.29 -4.09 2.84
N HIS A 178 -4.45 -3.05 2.02
CA HIS A 178 -4.30 -3.10 0.58
C HIS A 178 -3.00 -2.46 0.12
N TRP A 179 -2.43 -2.98 -0.96
CA TRP A 179 -1.31 -2.35 -1.61
C TRP A 179 -1.46 -2.45 -3.11
N GLU A 180 -1.05 -1.36 -3.79
CA GLU A 180 -1.07 -1.20 -5.23
C GLU A 180 0.13 -0.37 -5.64
N PHE A 181 0.60 -0.62 -6.85
CA PHE A 181 1.50 0.31 -7.51
C PHE A 181 0.72 1.55 -7.97
N ASP A 182 1.36 2.72 -7.88
CA ASP A 182 0.73 3.99 -8.27
C ASP A 182 1.45 4.56 -9.49
N ALA A 183 0.84 4.42 -10.65
CA ALA A 183 1.39 4.97 -11.88
C ALA A 183 0.97 6.43 -12.03
N MET B 4 -11.59 -15.90 14.49
CA MET B 4 -10.96 -17.17 14.18
C MET B 4 -11.77 -18.36 14.70
N GLY B 5 -13.10 -18.20 14.73
CA GLY B 5 -14.00 -19.29 15.05
C GLY B 5 -14.03 -19.74 16.49
N ASP B 6 -12.86 -19.98 17.08
CA ASP B 6 -12.75 -20.48 18.45
C ASP B 6 -13.01 -19.32 19.42
N THR B 7 -14.15 -19.37 20.10
CA THR B 7 -14.50 -18.36 21.08
C THR B 7 -14.19 -18.77 22.51
N ARG B 8 -13.56 -19.93 22.70
CA ARG B 8 -13.14 -20.36 24.02
C ARG B 8 -12.24 -19.33 24.68
N PRO B 9 -12.32 -19.19 26.01
CA PRO B 9 -11.46 -18.24 26.72
C PRO B 9 -9.99 -18.62 26.64
N ARG B 10 -9.13 -17.60 26.70
CA ARG B 10 -7.69 -17.79 26.60
C ARG B 10 -6.98 -17.31 27.87
N PHE B 11 -5.89 -18.01 28.21
CA PHE B 11 -5.10 -17.71 29.38
C PHE B 11 -3.64 -17.67 28.99
N LEU B 12 -2.96 -16.56 29.28
CA LEU B 12 -1.61 -16.29 28.80
C LEU B 12 -0.68 -16.03 29.98
N TRP B 13 0.50 -16.64 29.92
CA TRP B 13 1.55 -16.43 30.91
C TRP B 13 2.84 -16.12 30.16
N GLN B 14 3.43 -14.96 30.46
CA GLN B 14 4.66 -14.50 29.85
C GLN B 14 5.75 -14.38 30.91
N LEU B 15 6.97 -14.68 30.49
CA LEU B 15 8.14 -14.52 31.34
C LEU B 15 9.18 -13.76 30.53
N LYS B 16 9.65 -12.62 31.05
CA LYS B 16 10.60 -11.78 30.34
C LYS B 16 11.82 -11.52 31.22
N PHE B 17 13.00 -11.83 30.70
CA PHE B 17 14.26 -11.46 31.33
C PHE B 17 14.85 -10.29 30.55
N GLU B 18 14.83 -9.09 31.13
CA GLU B 18 15.32 -7.90 30.47
C GLU B 18 16.71 -7.56 31.02
N CYS B 19 17.71 -7.59 30.15
CA CYS B 19 19.05 -7.13 30.50
C CYS B 19 19.24 -5.73 29.91
N HIS B 20 19.40 -4.75 30.78
CA HIS B 20 19.61 -3.36 30.40
C HIS B 20 21.09 -3.01 30.60
N PHE B 21 21.71 -2.49 29.54
CA PHE B 21 23.13 -2.18 29.52
C PHE B 21 23.35 -0.68 29.30
N PHE B 22 24.27 -0.10 30.05
CA PHE B 22 24.65 1.31 29.90
C PHE B 22 26.16 1.40 29.85
N ASN B 23 26.66 2.18 28.87
CA ASN B 23 28.09 2.35 28.61
C ASN B 23 28.77 1.02 28.29
N GLY B 24 28.29 0.38 27.24
CA GLY B 24 28.75 -0.97 26.97
C GLY B 24 28.18 -1.86 28.05
N THR B 25 29.05 -2.37 28.94
CA THR B 25 28.61 -3.16 30.08
C THR B 25 29.04 -2.53 31.40
N GLU B 26 29.34 -1.24 31.40
CA GLU B 26 29.82 -0.61 32.64
C GLU B 26 28.74 -0.70 33.72
N ARG B 27 27.48 -0.46 33.36
CA ARG B 27 26.37 -0.63 34.29
CA ARG B 27 26.36 -0.62 34.28
C ARG B 27 25.34 -1.57 33.69
N VAL B 28 24.84 -2.49 34.50
CA VAL B 28 23.91 -3.52 34.05
C VAL B 28 22.79 -3.69 35.06
N ARG B 29 21.55 -3.75 34.56
CA ARG B 29 20.38 -3.97 35.40
C ARG B 29 19.59 -5.14 34.83
N LEU B 30 19.21 -6.08 35.69
CA LEU B 30 18.39 -7.21 35.30
C LEU B 30 16.97 -7.03 35.84
N LEU B 31 15.98 -7.20 34.96
CA LEU B 31 14.57 -7.09 35.32
C LEU B 31 13.85 -8.34 34.85
N GLU B 32 13.49 -9.21 35.77
CA GLU B 32 12.72 -10.41 35.43
C GLU B 32 11.25 -10.13 35.74
N ARG B 33 10.39 -10.29 34.75
CA ARG B 33 8.97 -9.91 34.87
C ARG B 33 8.10 -11.10 34.52
N CYS B 34 7.07 -11.33 35.33
CA CYS B 34 6.05 -12.32 35.04
C CYS B 34 4.75 -11.59 34.75
N ILE B 35 4.15 -11.88 33.60
CA ILE B 35 2.93 -11.20 33.17
C ILE B 35 1.85 -12.25 32.97
N TYR B 36 0.75 -12.11 33.71
CA TYR B 36 -0.43 -12.94 33.50
C TYR B 36 -1.44 -12.17 32.66
N ASN B 37 -1.91 -12.80 31.59
CA ASN B 37 -2.77 -12.13 30.62
C ASN B 37 -2.10 -10.85 30.13
N GLN B 38 -2.49 -9.68 30.66
CA GLN B 38 -1.83 -8.44 30.28
C GLN B 38 -1.34 -7.66 31.50
N GLU B 39 -1.26 -8.29 32.68
CA GLU B 39 -0.87 -7.61 33.90
C GLU B 39 0.43 -8.22 34.43
N GLU B 40 1.41 -7.36 34.69
CA GLU B 40 2.61 -7.81 35.39
C GLU B 40 2.28 -8.14 36.83
N SER B 41 2.66 -9.35 37.26
CA SER B 41 2.28 -9.83 38.58
C SER B 41 3.42 -9.79 39.58
N VAL B 42 4.63 -10.14 39.15
CA VAL B 42 5.77 -10.19 40.05
C VAL B 42 7.04 -9.93 39.23
N ARG B 43 8.01 -9.28 39.85
CA ARG B 43 9.23 -8.93 39.16
C ARG B 43 10.41 -9.09 40.10
N PHE B 44 11.60 -9.20 39.51
CA PHE B 44 12.88 -9.17 40.19
C PHE B 44 13.70 -8.06 39.57
N ASP B 45 14.03 -7.05 40.35
CA ASP B 45 14.81 -5.90 39.91
C ASP B 45 16.17 -5.99 40.56
N SER B 46 17.23 -6.10 39.75
CA SER B 46 18.58 -6.28 40.29
C SER B 46 18.99 -5.10 41.17
N ASP B 47 18.39 -3.92 40.98
CA ASP B 47 18.63 -2.80 41.90
C ASP B 47 17.95 -3.00 43.24
N VAL B 48 16.89 -3.81 43.27
CA VAL B 48 16.22 -4.12 44.53
C VAL B 48 16.81 -5.36 45.20
N GLY B 49 17.12 -6.38 44.42
CA GLY B 49 17.77 -7.57 44.94
C GLY B 49 16.85 -8.68 45.40
N GLU B 50 15.54 -8.51 45.30
CA GLU B 50 14.62 -9.58 45.69
C GLU B 50 13.34 -9.46 44.89
N TYR B 51 12.57 -10.54 44.85
CA TYR B 51 11.31 -10.53 44.13
C TYR B 51 10.32 -9.63 44.85
N ARG B 52 9.57 -8.85 44.07
CA ARG B 52 8.54 -7.97 44.58
C ARG B 52 7.26 -8.22 43.80
N ALA B 53 6.15 -8.23 44.52
CA ALA B 53 4.83 -8.39 43.91
C ALA B 53 4.37 -7.09 43.28
N VAL B 54 3.90 -7.15 42.04
CA VAL B 54 3.27 -5.99 41.44
C VAL B 54 1.77 -5.97 41.75
N THR B 55 1.11 -7.12 41.66
CA THR B 55 -0.30 -7.25 42.01
C THR B 55 -0.47 -8.34 43.06
N GLU B 56 -1.69 -8.40 43.62
CA GLU B 56 -2.02 -9.44 44.60
C GLU B 56 -1.78 -10.82 44.04
N LEU B 57 -2.14 -11.05 42.77
CA LEU B 57 -1.96 -12.34 42.13
C LEU B 57 -0.51 -12.83 42.24
N GLY B 58 0.45 -11.92 42.27
CA GLY B 58 1.83 -12.32 42.33
C GLY B 58 2.42 -12.45 43.70
N ARG B 59 1.68 -12.10 44.75
CA ARG B 59 2.25 -12.16 46.10
C ARG B 59 2.66 -13.57 46.52
N PRO B 60 1.87 -14.64 46.28
CA PRO B 60 2.36 -15.97 46.67
C PRO B 60 3.70 -16.32 46.05
N ASP B 61 3.94 -15.88 44.81
CA ASP B 61 5.18 -16.23 44.13
C ASP B 61 6.38 -15.50 44.73
N ALA B 62 6.25 -14.19 44.96
CA ALA B 62 7.39 -13.42 45.44
C ALA B 62 7.88 -13.98 46.77
N GLU B 63 6.96 -14.20 47.70
CA GLU B 63 7.37 -14.71 49.00
C GLU B 63 7.98 -16.09 48.85
N TYR B 64 7.36 -16.94 48.02
CA TYR B 64 7.88 -18.28 47.84
C TYR B 64 9.29 -18.21 47.27
N TRP B 65 9.50 -17.30 46.32
CA TRP B 65 10.82 -17.22 45.71
C TRP B 65 11.83 -16.57 46.65
N ASN B 66 11.38 -15.66 47.52
CA ASN B 66 12.32 -14.98 48.40
C ASN B 66 12.83 -15.90 49.51
N SER B 67 12.15 -17.01 49.76
CA SER B 67 12.62 -17.99 50.75
C SER B 67 13.64 -18.98 50.18
N GLN B 68 14.00 -18.87 48.92
CA GLN B 68 14.98 -19.76 48.29
C GLN B 68 16.30 -19.01 48.14
N LYS B 69 17.21 -19.18 49.11
CA LYS B 69 18.45 -18.41 49.09
C LYS B 69 19.32 -18.74 47.87
N ASP B 70 19.30 -19.99 47.41
CA ASP B 70 20.04 -20.36 46.21
C ASP B 70 19.54 -19.59 45.00
N LEU B 71 18.21 -19.57 44.81
CA LEU B 71 17.62 -18.81 43.72
C LEU B 71 17.96 -17.34 43.82
N LEU B 72 17.91 -16.79 45.04
CA LEU B 72 18.20 -15.37 45.24
C LEU B 72 19.65 -15.05 44.87
N GLU B 73 20.61 -15.85 45.36
CA GLU B 73 22.01 -15.58 45.05
C GLU B 73 22.28 -15.72 43.56
N GLN B 74 21.70 -16.74 42.92
CA GLN B 74 21.89 -16.91 41.49
C GLN B 74 21.35 -15.69 40.74
N ARG B 75 20.17 -15.22 41.11
CA ARG B 75 19.60 -14.06 40.42
C ARG B 75 20.41 -12.79 40.68
N ARG B 76 20.95 -12.65 41.89
CA ARG B 76 21.80 -11.50 42.20
C ARG B 76 23.05 -11.51 41.31
N ALA B 77 23.61 -12.69 41.03
CA ALA B 77 24.79 -12.78 40.18
C ALA B 77 24.45 -12.85 38.69
N ALA B 78 23.16 -12.92 38.34
CA ALA B 78 22.81 -13.06 36.94
C ALA B 78 23.22 -11.86 36.09
N VAL B 79 23.45 -10.68 36.69
CA VAL B 79 23.92 -9.54 35.91
C VAL B 79 25.26 -9.88 35.27
N ASP B 80 26.06 -10.74 35.93
CA ASP B 80 27.34 -11.18 35.40
C ASP B 80 27.21 -12.49 34.61
N THR B 81 26.62 -13.53 35.23
CA THR B 81 26.58 -14.84 34.59
C THR B 81 25.63 -14.87 33.40
N TYR B 82 24.61 -14.03 33.41
CA TYR B 82 23.57 -14.04 32.39
C TYR B 82 23.65 -12.82 31.47
N CYS B 83 23.49 -11.62 32.00
CA CYS B 83 23.46 -10.41 31.16
C CYS B 83 24.80 -10.19 30.45
N ARG B 84 25.88 -10.00 31.22
CA ARG B 84 27.16 -9.68 30.60
C ARG B 84 27.62 -10.77 29.64
N HIS B 85 27.35 -12.03 29.98
CA HIS B 85 27.75 -13.12 29.09
C HIS B 85 27.05 -13.01 27.74
N ASN B 86 25.73 -12.83 27.76
CA ASN B 86 24.98 -12.80 26.50
C ASN B 86 25.29 -11.56 25.67
N TYR B 87 25.54 -10.43 26.34
CA TYR B 87 26.03 -9.27 25.61
C TYR B 87 27.30 -9.62 24.87
N GLY B 88 28.24 -10.25 25.56
CA GLY B 88 29.50 -10.57 24.91
C GLY B 88 29.31 -11.54 23.76
N VAL B 89 28.43 -12.52 23.94
CA VAL B 89 28.19 -13.51 22.91
C VAL B 89 27.70 -12.85 21.63
N GLY B 90 26.73 -11.96 21.75
CA GLY B 90 26.15 -11.38 20.55
C GLY B 90 26.72 -10.05 20.12
N GLU B 91 27.77 -9.56 20.77
CA GLU B 91 28.25 -8.21 20.49
C GLU B 91 28.58 -8.00 19.02
N SER B 92 29.23 -8.98 18.40
CA SER B 92 29.79 -8.76 17.07
C SER B 92 28.69 -8.53 16.02
N PHE B 93 27.52 -9.14 16.18
CA PHE B 93 26.48 -9.02 15.18
C PHE B 93 25.26 -8.24 15.67
N THR B 94 25.34 -7.62 16.84
CA THR B 94 24.25 -6.76 17.31
C THR B 94 24.75 -5.33 17.52
N VAL B 95 25.49 -5.10 18.60
CA VAL B 95 26.02 -3.77 18.89
C VAL B 95 26.86 -3.26 17.72
N GLN B 96 27.65 -4.14 17.10
CA GLN B 96 28.59 -3.75 16.06
C GLN B 96 28.04 -3.95 14.65
N ARG B 97 26.73 -4.19 14.52
CA ARG B 97 26.11 -4.34 13.21
C ARG B 97 26.01 -2.99 12.51
N ARG B 98 26.49 -2.94 11.26
CA ARG B 98 26.45 -1.72 10.46
C ARG B 98 26.02 -2.09 9.04
N VAL B 99 24.86 -1.60 8.62
CA VAL B 99 24.40 -1.81 7.25
C VAL B 99 24.09 -0.46 6.61
N GLU B 100 24.70 -0.21 5.46
CA GLU B 100 24.60 1.08 4.80
C GLU B 100 23.21 1.28 4.18
N PRO B 101 22.65 2.48 4.25
CA PRO B 101 21.36 2.72 3.62
C PRO B 101 21.47 2.92 2.11
N LYS B 102 20.40 2.55 1.42
CA LYS B 102 20.20 2.88 0.02
C LYS B 102 19.27 4.09 -0.06
N VAL B 103 19.72 5.13 -0.75
CA VAL B 103 19.03 6.41 -0.83
C VAL B 103 18.60 6.66 -2.26
N THR B 104 17.29 6.88 -2.45
CA THR B 104 16.75 7.28 -3.74
C THR B 104 15.89 8.53 -3.58
N VAL B 105 15.78 9.32 -4.64
CA VAL B 105 14.94 10.51 -4.65
C VAL B 105 14.03 10.44 -5.86
N TYR B 106 12.73 10.67 -5.66
CA TYR B 106 11.79 10.60 -6.76
C TYR B 106 10.57 11.46 -6.44
N PRO B 107 9.93 12.06 -7.45
CA PRO B 107 8.68 12.79 -7.20
C PRO B 107 7.54 11.84 -6.89
N SER B 108 6.69 12.24 -5.95
CA SER B 108 5.59 11.39 -5.53
C SER B 108 4.59 11.18 -6.66
N LYS B 109 4.30 12.24 -7.41
CA LYS B 109 3.41 12.21 -8.56
C LYS B 109 4.04 12.99 -9.70
N THR B 110 3.66 12.63 -10.93
CA THR B 110 4.15 13.31 -12.11
C THR B 110 3.29 14.55 -12.35
N GLN B 111 3.23 15.40 -11.33
CA GLN B 111 2.52 16.68 -11.42
C GLN B 111 3.39 17.68 -12.18
N PRO B 112 2.80 18.48 -13.07
CA PRO B 112 3.58 19.41 -13.89
C PRO B 112 4.35 20.41 -13.04
N LEU B 113 5.25 21.15 -13.71
CA LEU B 113 6.06 22.14 -13.02
C LEU B 113 5.23 23.37 -12.66
N GLN B 114 5.81 24.20 -11.80
CA GLN B 114 5.19 25.39 -11.23
C GLN B 114 3.93 25.07 -10.42
N HIS B 115 3.69 23.78 -10.16
CA HIS B 115 2.61 23.29 -9.33
CA HIS B 115 2.62 23.33 -9.30
C HIS B 115 3.23 22.52 -8.16
N HIS B 116 2.44 22.35 -7.09
CA HIS B 116 2.99 21.73 -5.89
C HIS B 116 3.29 20.25 -6.13
N ASN B 117 4.37 19.77 -5.50
CA ASN B 117 4.76 18.37 -5.60
C ASN B 117 5.46 17.93 -4.32
N LEU B 118 5.33 16.65 -4.04
CA LEU B 118 6.00 15.99 -2.91
C LEU B 118 7.21 15.22 -3.43
N LEU B 119 8.41 15.67 -3.08
CA LEU B 119 9.63 14.94 -3.40
C LEU B 119 9.99 13.97 -2.28
N VAL B 120 10.15 12.69 -2.64
CA VAL B 120 10.40 11.63 -1.67
C VAL B 120 11.89 11.32 -1.65
N CYS B 121 12.49 11.35 -0.45
CA CYS B 121 13.80 10.78 -0.21
C CYS B 121 13.58 9.48 0.56
N SER B 122 13.85 8.37 -0.11
CA SER B 122 13.69 7.02 0.43
C SER B 122 15.04 6.54 0.94
N VAL B 123 15.09 6.19 2.22
CA VAL B 123 16.30 5.71 2.87
C VAL B 123 15.98 4.34 3.43
N SER B 124 16.50 3.28 2.80
CA SER B 124 16.04 1.95 3.12
C SER B 124 17.20 0.99 3.39
N GLY B 125 16.92 -0.05 4.17
CA GLY B 125 17.84 -1.14 4.37
C GLY B 125 18.98 -0.88 5.33
N PHE B 126 18.84 0.08 6.25
CA PHE B 126 19.97 0.45 7.08
C PHE B 126 19.82 -0.05 8.52
N TYR B 127 20.97 -0.11 9.22
CA TYR B 127 21.09 -0.48 10.62
C TYR B 127 22.39 0.08 11.19
N PRO B 128 22.38 0.69 12.38
CA PRO B 128 21.25 0.84 13.30
C PRO B 128 20.30 1.98 12.97
N GLY B 129 19.45 2.32 13.94
CA GLY B 129 18.36 3.24 13.66
C GLY B 129 18.75 4.70 13.54
N SER B 130 19.76 5.15 14.30
CA SER B 130 20.11 6.56 14.30
C SER B 130 20.52 7.01 12.90
N ILE B 131 19.92 8.11 12.42
CA ILE B 131 20.14 8.55 11.06
C ILE B 131 19.71 10.00 10.96
N GLU B 132 20.34 10.75 10.05
CA GLU B 132 20.00 12.16 9.86
C GLU B 132 19.77 12.44 8.38
N VAL B 133 18.60 12.95 8.03
CA VAL B 133 18.21 13.19 6.65
C VAL B 133 17.85 14.66 6.49
N ARG B 134 18.43 15.31 5.48
CA ARG B 134 18.25 16.73 5.25
C ARG B 134 17.98 17.02 3.78
N TRP B 135 17.11 18.00 3.53
CA TRP B 135 16.76 18.44 2.19
C TRP B 135 17.41 19.78 1.89
N PHE B 136 17.79 19.99 0.64
CA PHE B 136 18.42 21.23 0.19
C PHE B 136 17.82 21.65 -1.14
N ARG B 137 17.59 22.95 -1.28
CA ARG B 137 17.19 23.54 -2.54
C ARG B 137 18.33 24.44 -3.01
N ASN B 138 18.97 24.06 -4.13
CA ASN B 138 20.09 24.81 -4.67
C ASN B 138 21.17 25.04 -3.63
N GLY B 139 21.35 24.08 -2.72
CA GLY B 139 22.36 24.19 -1.68
C GLY B 139 21.90 24.85 -0.39
N GLN B 140 20.66 25.34 -0.33
CA GLN B 140 20.10 25.93 0.89
C GLN B 140 19.26 24.91 1.63
N GLU B 141 19.57 24.72 2.90
CA GLU B 141 18.84 23.74 3.69
C GLU B 141 17.39 24.14 3.86
N GLU B 142 16.49 23.23 3.51
CA GLU B 142 15.06 23.40 3.69
C GLU B 142 14.62 22.64 4.94
N LYS B 143 14.17 23.38 5.95
CA LYS B 143 13.55 22.76 7.12
C LYS B 143 12.04 22.93 7.20
N ALA B 144 11.41 23.70 6.31
CA ALA B 144 10.01 24.03 6.58
C ALA B 144 9.01 23.04 6.02
N GLY B 145 9.18 22.57 4.79
CA GLY B 145 8.22 21.63 4.24
C GLY B 145 8.62 20.18 4.30
N VAL B 146 9.26 19.74 5.39
CA VAL B 146 9.76 18.37 5.51
C VAL B 146 8.77 17.53 6.30
N VAL B 147 8.21 16.51 5.64
CA VAL B 147 7.28 15.55 6.21
C VAL B 147 7.94 14.19 6.27
N SER B 148 8.15 13.66 7.46
CA SER B 148 8.88 12.41 7.64
C SER B 148 7.95 11.31 8.14
N THR B 149 8.13 10.11 7.59
CA THR B 149 7.43 8.96 8.11
C THR B 149 7.99 8.49 9.44
N GLY B 150 9.18 8.97 9.80
CA GLY B 150 9.85 8.47 10.97
C GLY B 150 10.54 7.15 10.70
N LEU B 151 11.04 6.56 11.77
CA LEU B 151 11.81 5.33 11.70
C LEU B 151 10.87 4.12 11.60
N ILE B 152 11.04 3.31 10.57
CA ILE B 152 10.22 2.12 10.33
C ILE B 152 11.09 0.88 10.50
N GLN B 153 10.72 0.02 11.44
CA GLN B 153 11.41 -1.25 11.68
C GLN B 153 10.89 -2.31 10.72
N ASN B 154 11.76 -2.86 9.88
CA ASN B 154 11.30 -3.86 8.91
C ASN B 154 11.14 -5.24 9.51
N GLY B 155 11.71 -5.49 10.69
CA GLY B 155 11.64 -6.79 11.31
C GLY B 155 12.76 -7.74 10.92
N ASP B 156 13.64 -7.34 10.01
CA ASP B 156 14.72 -8.18 9.51
C ASP B 156 16.09 -7.57 9.82
N TRP B 157 16.15 -6.77 10.88
CA TRP B 157 17.37 -6.08 11.30
C TRP B 157 17.78 -4.99 10.31
N THR B 158 16.80 -4.43 9.62
CA THR B 158 16.98 -3.24 8.80
C THR B 158 15.86 -2.27 9.12
N PHE B 159 16.12 -0.99 8.89
CA PHE B 159 15.14 0.07 9.01
C PHE B 159 14.91 0.73 7.66
N GLN B 160 13.85 1.50 7.58
CA GLN B 160 13.64 2.39 6.46
C GLN B 160 12.95 3.65 6.96
N THR B 161 13.10 4.73 6.19
CA THR B 161 12.45 5.98 6.50
C THR B 161 12.22 6.73 5.20
N LEU B 162 11.08 7.43 5.12
CA LEU B 162 10.73 8.25 3.97
C LEU B 162 10.64 9.70 4.42
N VAL B 163 11.50 10.55 3.89
CA VAL B 163 11.52 11.96 4.25
C VAL B 163 11.14 12.74 3.00
N MET B 164 10.01 13.40 3.04
CA MET B 164 9.45 14.05 1.87
C MET B 164 9.52 15.56 2.04
N LEU B 165 9.76 16.25 0.94
CA LEU B 165 9.84 17.71 0.91
C LEU B 165 8.71 18.25 0.05
N GLU B 166 7.95 19.18 0.62
CA GLU B 166 6.93 19.90 -0.13
C GLU B 166 7.60 20.99 -0.95
N THR B 167 7.33 21.01 -2.26
CA THR B 167 8.04 21.93 -3.13
C THR B 167 7.11 22.46 -4.20
N VAL B 168 7.49 23.60 -4.76
CA VAL B 168 6.92 24.09 -6.01
C VAL B 168 8.08 24.19 -7.00
N PRO B 169 8.41 23.11 -7.69
CA PRO B 169 9.66 23.09 -8.48
C PRO B 169 9.59 24.03 -9.68
N ARG B 170 10.63 24.85 -9.82
CA ARG B 170 10.81 25.73 -10.95
C ARG B 170 12.02 25.28 -11.75
N SER B 171 12.05 25.67 -13.03
CA SER B 171 13.10 25.19 -13.93
C SER B 171 14.48 25.61 -13.45
N GLY B 172 15.43 24.69 -13.59
CA GLY B 172 16.80 24.91 -13.17
C GLY B 172 17.08 24.66 -11.71
N GLU B 173 16.07 24.41 -10.90
CA GLU B 173 16.30 24.14 -9.49
C GLU B 173 16.87 22.73 -9.31
N VAL B 174 17.73 22.59 -8.30
CA VAL B 174 18.34 21.31 -7.95
C VAL B 174 18.02 21.02 -6.50
N TYR B 175 17.40 19.88 -6.24
CA TYR B 175 17.10 19.45 -4.88
C TYR B 175 18.05 18.34 -4.48
N THR B 176 18.53 18.38 -3.24
CA THR B 176 19.49 17.39 -2.76
C THR B 176 19.01 16.81 -1.43
N CYS B 177 19.07 15.49 -1.32
CA CYS B 177 18.82 14.78 -0.09
C CYS B 177 20.15 14.27 0.44
N GLN B 178 20.51 14.65 1.68
CA GLN B 178 21.74 14.25 2.33
C GLN B 178 21.43 13.36 3.53
N VAL B 179 22.11 12.22 3.61
CA VAL B 179 21.88 11.23 4.65
C VAL B 179 23.20 10.98 5.38
N GLU B 180 23.15 11.01 6.70
CA GLU B 180 24.28 10.72 7.57
C GLU B 180 23.91 9.52 8.45
N HIS B 181 24.81 8.54 8.50
CA HIS B 181 24.59 7.27 9.17
C HIS B 181 25.93 6.72 9.62
N PRO B 182 25.97 5.99 10.75
CA PRO B 182 27.26 5.48 11.26
C PRO B 182 27.97 4.51 10.33
N SER B 183 27.28 3.89 9.38
CA SER B 183 27.93 2.92 8.49
C SER B 183 28.83 3.57 7.46
N VAL B 184 28.73 4.88 7.27
CA VAL B 184 29.50 5.60 6.26
C VAL B 184 30.12 6.82 6.92
N THR B 185 31.36 7.13 6.55
CA THR B 185 32.06 8.25 7.16
C THR B 185 31.63 9.59 6.55
N SER B 186 31.44 9.63 5.24
CA SER B 186 30.98 10.84 4.56
C SER B 186 29.52 10.70 4.11
N PRO B 187 28.76 11.80 4.08
CA PRO B 187 27.32 11.71 3.80
C PRO B 187 27.01 11.15 2.41
N LEU B 188 25.85 10.51 2.30
CA LEU B 188 25.29 10.12 1.01
C LEU B 188 24.42 11.25 0.49
N THR B 189 24.60 11.62 -0.78
CA THR B 189 23.85 12.74 -1.36
C THR B 189 23.21 12.30 -2.67
N VAL B 190 21.90 12.52 -2.81
CA VAL B 190 21.20 12.25 -4.06
C VAL B 190 20.47 13.50 -4.50
N GLU B 191 20.62 13.87 -5.78
CA GLU B 191 20.01 15.08 -6.27
C GLU B 191 18.92 14.76 -7.30
N TRP B 192 17.94 15.64 -7.38
CA TRP B 192 16.84 15.58 -8.34
C TRP B 192 16.76 16.92 -9.05
N ARG B 193 16.74 16.86 -10.38
CA ARG B 193 16.72 18.07 -11.20
C ARG B 193 15.30 18.40 -11.59
N ALA B 194 14.94 19.68 -11.48
CA ALA B 194 13.61 20.13 -11.90
C ALA B 194 13.65 20.58 -13.36
N LEU C 1 31.82 -22.24 18.90
CA LEU C 1 31.08 -20.99 19.00
C LEU C 1 30.62 -20.75 20.44
N SER C 2 30.61 -19.49 20.87
CA SER C 2 30.10 -19.17 22.18
C SER C 2 28.60 -19.41 22.24
N TYR C 3 28.10 -19.70 23.43
CA TYR C 3 26.70 -20.07 23.63
C TYR C 3 25.96 -19.02 24.44
N TYR C 4 24.71 -18.77 24.06
CA TYR C 4 23.82 -17.95 24.87
C TYR C 4 23.46 -18.71 26.13
N LYS C 5 23.52 -18.03 27.26
CA LYS C 5 23.15 -18.64 28.54
C LYS C 5 21.65 -18.51 28.75
N LEU C 6 21.06 -19.59 29.26
CA LEU C 6 19.63 -19.66 29.46
C LEU C 6 19.23 -18.99 30.78
N GLY C 7 18.16 -18.24 30.75
CA GLY C 7 17.51 -17.80 31.97
C GLY C 7 16.52 -18.85 32.41
N ALA C 8 16.82 -19.56 33.50
CA ALA C 8 16.05 -20.73 33.85
C ALA C 8 14.68 -20.36 34.38
N SER C 9 13.65 -20.96 33.79
CA SER C 9 12.28 -20.73 34.24
C SER C 9 12.03 -21.44 35.56
N GLN C 10 11.48 -20.73 36.54
CA GLN C 10 11.25 -21.29 37.86
C GLN C 10 9.79 -21.68 38.04
N ARG C 11 9.57 -22.54 39.03
CA ARG C 11 8.25 -23.00 39.39
C ARG C 11 7.56 -21.99 40.31
N VAL C 12 6.29 -21.72 40.05
CA VAL C 12 5.51 -20.78 40.87
C VAL C 12 4.99 -21.48 42.11
N ALA C 13 4.47 -20.70 43.05
CA ALA C 13 3.90 -21.21 44.29
C ALA C 13 2.55 -21.86 44.07
N GLY C 14 2.20 -22.79 44.96
CA GLY C 14 0.91 -23.45 44.93
C GLY C 14 0.84 -24.69 44.06
N ASP C 15 -0.38 -25.21 43.93
CA ASP C 15 -0.66 -26.38 43.09
C ASP C 15 -2.17 -26.61 42.93
N LYS D 3 5.40 -18.32 -29.93
CA LYS D 3 5.04 -19.10 -28.74
C LYS D 3 5.24 -18.31 -27.47
N GLU D 4 4.11 -17.85 -26.91
CA GLU D 4 4.08 -17.03 -25.68
C GLU D 4 5.22 -16.00 -25.67
N GLU D 5 5.57 -15.46 -26.83
CA GLU D 5 6.73 -14.58 -26.94
C GLU D 5 6.28 -13.22 -27.47
N HIS D 6 6.12 -12.26 -26.57
CA HIS D 6 5.91 -10.89 -26.99
C HIS D 6 7.28 -10.26 -27.30
N VAL D 7 7.27 -9.24 -28.15
CA VAL D 7 8.50 -8.56 -28.55
C VAL D 7 8.29 -7.06 -28.58
N ILE D 8 9.21 -6.31 -27.99
CA ILE D 8 9.19 -4.85 -28.05
C ILE D 8 10.41 -4.38 -28.84
N ILE D 9 10.19 -3.50 -29.81
CA ILE D 9 11.24 -3.03 -30.70
C ILE D 9 11.27 -1.49 -30.70
N GLN D 10 12.43 -0.93 -30.40
CA GLN D 10 12.70 0.49 -30.65
C GLN D 10 13.42 0.59 -31.99
N ALA D 11 12.75 1.17 -32.98
CA ALA D 11 13.30 1.24 -34.34
C ALA D 11 13.43 2.69 -34.78
N GLU D 12 14.57 3.02 -35.34
CA GLU D 12 14.82 4.36 -35.86
C GLU D 12 15.62 4.25 -37.15
N PHE D 13 15.53 5.28 -37.97
CA PHE D 13 16.33 5.30 -39.19
C PHE D 13 16.62 6.73 -39.61
N TYR D 14 17.63 6.87 -40.47
CA TYR D 14 17.92 8.10 -41.21
C TYR D 14 18.24 7.77 -42.65
N LEU D 15 17.70 8.56 -43.56
CA LEU D 15 17.86 8.37 -45.00
C LEU D 15 18.37 9.65 -45.62
N ASN D 16 19.44 9.54 -46.42
CA ASN D 16 20.07 10.57 -47.23
C ASN D 16 19.94 10.22 -48.71
N PRO D 17 19.78 11.23 -49.59
CA PRO D 17 19.90 12.67 -49.31
C PRO D 17 18.59 13.30 -48.86
N ASP D 18 17.57 12.48 -48.63
CA ASP D 18 16.26 12.99 -48.27
C ASP D 18 16.24 13.68 -46.91
N GLN D 19 17.25 13.44 -46.07
CA GLN D 19 17.29 13.98 -44.72
C GLN D 19 16.05 13.57 -43.94
N SER D 20 15.63 12.31 -44.08
CA SER D 20 14.42 11.84 -43.44
C SER D 20 14.76 10.90 -42.30
N GLY D 21 14.12 11.11 -41.14
CA GLY D 21 14.39 10.29 -39.98
C GLY D 21 13.11 9.80 -39.34
N GLU D 22 13.26 8.75 -38.55
CA GLU D 22 12.11 8.23 -37.81
C GLU D 22 12.57 7.54 -36.53
N PHE D 23 11.71 7.61 -35.51
CA PHE D 23 11.94 6.99 -34.21
C PHE D 23 10.58 6.51 -33.68
N MET D 24 10.49 5.23 -33.36
CA MET D 24 9.21 4.65 -32.95
C MET D 24 9.44 3.40 -32.07
N PHE D 25 8.38 3.03 -31.36
CA PHE D 25 8.32 1.80 -30.58
C PHE D 25 7.22 0.90 -31.14
N ASP D 26 7.49 -0.40 -31.13
CA ASP D 26 6.67 -1.44 -31.76
C ASP D 26 6.42 -2.55 -30.74
N PHE D 27 5.17 -3.02 -30.63
CA PHE D 27 4.83 -4.15 -29.77
C PHE D 27 4.11 -5.20 -30.60
N ASP D 28 4.74 -6.36 -30.79
CA ASP D 28 4.16 -7.45 -31.55
C ASP D 28 3.66 -6.97 -32.91
N GLY D 29 4.41 -6.05 -33.51
CA GLY D 29 4.11 -5.57 -34.84
C GLY D 29 3.24 -4.33 -34.90
N ASP D 30 2.73 -3.86 -33.78
CA ASP D 30 1.90 -2.66 -33.76
C ASP D 30 2.67 -1.49 -33.17
N GLU D 31 2.51 -0.32 -33.79
CA GLU D 31 3.20 0.87 -33.31
C GLU D 31 2.64 1.28 -31.96
N ILE D 32 3.52 1.47 -30.99
CA ILE D 32 3.10 2.08 -29.74
C ILE D 32 3.07 3.60 -29.88
N PHE D 33 4.17 4.17 -30.35
CA PHE D 33 4.25 5.62 -30.58
C PHE D 33 5.42 5.87 -31.51
N HIS D 34 5.45 7.08 -32.05
CA HIS D 34 6.61 7.61 -32.76
C HIS D 34 6.82 9.03 -32.28
N VAL D 35 7.92 9.65 -32.69
CA VAL D 35 8.20 11.03 -32.31
C VAL D 35 8.04 11.95 -33.52
N ASP D 36 7.19 12.96 -33.38
CA ASP D 36 7.11 14.04 -34.37
C ASP D 36 8.37 14.88 -34.22
N MET D 37 9.23 14.80 -35.25
CA MET D 37 10.55 15.42 -35.20
C MET D 37 10.46 16.94 -35.26
N ALA D 38 9.54 17.47 -36.07
CA ALA D 38 9.46 18.92 -36.22
C ALA D 38 8.96 19.57 -34.94
N LYS D 39 7.90 19.02 -34.35
CA LYS D 39 7.36 19.55 -33.11
C LYS D 39 8.02 18.98 -31.87
N LYS D 40 8.87 17.96 -32.01
CA LYS D 40 9.53 17.34 -30.87
C LYS D 40 8.50 16.84 -29.85
N GLU D 41 7.59 15.99 -30.34
CA GLU D 41 6.48 15.55 -29.50
C GLU D 41 6.26 14.05 -29.65
N THR D 42 5.78 13.42 -28.57
CA THR D 42 5.43 12.01 -28.62
C THR D 42 4.04 11.83 -29.20
N VAL D 43 3.91 10.96 -30.20
CA VAL D 43 2.64 10.70 -30.88
C VAL D 43 2.29 9.25 -30.64
N TRP D 44 1.27 9.01 -29.81
CA TRP D 44 0.80 7.67 -29.51
C TRP D 44 -0.07 7.16 -30.65
N ARG D 45 0.09 5.87 -30.96
CA ARG D 45 -0.70 5.28 -32.04
C ARG D 45 -2.16 5.25 -31.70
N LEU D 46 -2.49 4.98 -30.45
CA LEU D 46 -3.83 5.18 -29.91
C LEU D 46 -3.70 6.22 -28.82
N GLU D 47 -4.51 7.27 -28.89
CA GLU D 47 -4.29 8.41 -28.01
C GLU D 47 -4.40 8.01 -26.54
N GLU D 48 -5.34 7.10 -26.22
CA GLU D 48 -5.49 6.61 -24.85
C GLU D 48 -4.18 6.11 -24.24
N PHE D 49 -3.25 5.61 -25.08
CA PHE D 49 -1.94 5.18 -24.57
C PHE D 49 -1.28 6.27 -23.73
N GLY D 50 -1.43 7.53 -24.14
CA GLY D 50 -0.78 8.64 -23.45
C GLY D 50 -1.30 8.91 -22.05
N ARG D 51 -2.40 8.26 -21.65
CA ARG D 51 -2.83 8.38 -20.26
C ARG D 51 -1.95 7.56 -19.32
N PHE D 52 -1.28 6.54 -19.85
CA PHE D 52 -0.59 5.56 -19.03
C PHE D 52 0.92 5.70 -19.06
N ALA D 53 1.47 6.23 -20.14
CA ALA D 53 2.90 6.27 -20.35
C ALA D 53 3.31 7.63 -20.85
N SER D 54 4.61 7.90 -20.75
CA SER D 54 5.20 9.12 -21.27
C SER D 54 6.53 8.77 -21.91
N PHE D 55 7.04 9.68 -22.72
CA PHE D 55 8.36 9.50 -23.32
C PHE D 55 8.95 10.88 -23.58
N GLU D 56 10.20 11.07 -23.15
CA GLU D 56 10.88 12.34 -23.34
C GLU D 56 11.32 12.41 -24.79
N ALA D 57 10.62 13.22 -25.59
CA ALA D 57 10.84 13.21 -27.03
C ALA D 57 12.23 13.67 -27.40
N GLN D 58 12.89 14.45 -26.52
CA GLN D 58 14.22 14.95 -26.85
C GLN D 58 15.20 13.82 -27.08
N GLY D 59 15.04 12.71 -26.36
CA GLY D 59 15.94 11.60 -26.57
C GLY D 59 15.93 11.13 -28.01
N ALA D 60 14.74 11.09 -28.63
CA ALA D 60 14.67 10.65 -30.00
C ALA D 60 15.50 11.56 -30.90
N LEU D 61 15.40 12.88 -30.69
CA LEU D 61 16.17 13.79 -31.53
C LEU D 61 17.66 13.58 -31.31
N ALA D 62 18.08 13.35 -30.06
CA ALA D 62 19.48 13.12 -29.81
C ALA D 62 19.93 11.83 -30.49
N ASN D 63 19.06 10.83 -30.53
CA ASN D 63 19.37 9.62 -31.26
C ASN D 63 19.49 9.90 -32.76
N ILE D 64 18.52 10.63 -33.32
CA ILE D 64 18.49 10.82 -34.76
C ILE D 64 19.76 11.53 -35.23
N ALA D 65 20.20 12.54 -34.48
CA ALA D 65 21.42 13.24 -34.87
C ALA D 65 22.59 12.28 -34.93
N VAL D 66 22.70 11.39 -33.93
CA VAL D 66 23.79 10.44 -33.94
C VAL D 66 23.69 9.56 -35.18
N ASP D 67 22.48 9.08 -35.46
CA ASP D 67 22.30 8.22 -36.62
C ASP D 67 22.75 8.93 -37.88
N LYS D 68 22.44 10.22 -37.99
CA LYS D 68 22.83 10.95 -39.19
C LYS D 68 24.34 10.85 -39.39
N ALA D 69 25.10 11.17 -38.35
CA ALA D 69 26.54 11.12 -38.49
C ALA D 69 27.00 9.71 -38.82
N ASN D 70 26.38 8.71 -38.16
CA ASN D 70 26.78 7.35 -38.42
C ASN D 70 26.49 6.97 -39.86
N LEU D 71 25.32 7.40 -40.38
CA LEU D 71 25.00 7.05 -41.75
C LEU D 71 26.05 7.62 -42.69
N GLU D 72 26.49 8.85 -42.43
CA GLU D 72 27.46 9.47 -43.32
C GLU D 72 28.81 8.79 -43.20
N ILE D 73 29.14 8.29 -42.01
CA ILE D 73 30.33 7.48 -41.88
C ILE D 73 30.15 6.18 -42.66
N MET D 74 29.02 5.51 -42.43
CA MET D 74 28.82 4.21 -43.06
C MET D 74 28.76 4.36 -44.58
N THR D 75 28.14 5.43 -45.05
CA THR D 75 28.10 5.71 -46.48
C THR D 75 29.50 5.76 -47.06
N LYS D 76 30.41 6.45 -46.36
CA LYS D 76 31.79 6.53 -46.84
C LYS D 76 32.47 5.17 -46.76
N ARG D 77 32.16 4.39 -45.71
CA ARG D 77 32.87 3.13 -45.52
C ARG D 77 32.47 2.07 -46.54
N SER D 78 31.26 2.15 -47.09
CA SER D 78 30.79 1.19 -48.08
C SER D 78 31.18 1.58 -49.51
N ASN D 79 32.14 2.50 -49.68
CA ASN D 79 32.49 3.03 -51.00
C ASN D 79 31.26 3.60 -51.70
N TYR D 80 30.41 4.29 -50.93
CA TYR D 80 29.22 4.96 -51.43
C TYR D 80 28.29 3.98 -52.15
N THR D 81 28.06 2.83 -51.52
CA THR D 81 27.13 1.83 -52.04
C THR D 81 25.69 2.28 -51.83
N PRO D 82 24.88 2.43 -52.87
CA PRO D 82 23.48 2.80 -52.69
C PRO D 82 22.60 1.61 -52.35
N ILE D 83 21.45 1.91 -51.74
CA ILE D 83 20.46 0.88 -51.44
C ILE D 83 19.73 0.48 -52.73
N THR D 84 19.35 -0.79 -52.80
CA THR D 84 18.56 -1.31 -53.91
C THR D 84 17.08 -1.13 -53.60
N ASN D 85 16.36 -0.43 -54.49
CA ASN D 85 14.92 -0.27 -54.33
C ASN D 85 14.23 -1.62 -54.32
N VAL D 86 13.35 -1.83 -53.35
CA VAL D 86 12.48 -2.99 -53.33
C VAL D 86 11.03 -2.51 -53.43
N PRO D 87 10.29 -2.90 -54.46
CA PRO D 87 8.94 -2.37 -54.65
C PRO D 87 7.95 -3.00 -53.69
N PRO D 88 6.89 -2.28 -53.33
CA PRO D 88 5.96 -2.79 -52.33
C PRO D 88 4.89 -3.70 -52.92
N GLU D 89 4.37 -4.57 -52.05
CA GLU D 89 3.11 -5.26 -52.29
C GLU D 89 2.01 -4.41 -51.66
N VAL D 90 0.90 -4.28 -52.38
CA VAL D 90 -0.21 -3.43 -51.96
C VAL D 90 -1.47 -4.26 -51.91
N THR D 91 -2.22 -4.12 -50.82
CA THR D 91 -3.50 -4.80 -50.64
C THR D 91 -4.52 -3.79 -50.13
N VAL D 92 -5.76 -3.89 -50.58
CA VAL D 92 -6.84 -3.03 -50.12
C VAL D 92 -7.94 -3.92 -49.55
N LEU D 93 -8.36 -3.62 -48.32
CA LEU D 93 -9.41 -4.39 -47.67
C LEU D 93 -10.31 -3.43 -46.90
N THR D 94 -11.44 -3.91 -46.43
CA THR D 94 -12.23 -3.13 -45.50
C THR D 94 -11.98 -3.64 -44.08
N ASN D 95 -12.35 -2.82 -43.09
CA ASN D 95 -12.18 -3.09 -41.67
CA ASN D 95 -12.09 -3.26 -41.73
C ASN D 95 -13.25 -4.02 -41.11
N SER D 96 -14.38 -4.13 -41.81
CA SER D 96 -15.48 -5.01 -41.42
C SER D 96 -16.27 -5.37 -42.67
N PRO D 97 -17.12 -6.39 -42.61
CA PRO D 97 -17.95 -6.74 -43.77
C PRO D 97 -18.79 -5.58 -44.30
N VAL D 98 -18.86 -5.48 -45.61
CA VAL D 98 -19.47 -4.32 -46.26
C VAL D 98 -20.98 -4.48 -46.29
N GLU D 99 -21.68 -3.42 -45.91
CA GLU D 99 -23.12 -3.33 -46.02
C GLU D 99 -23.44 -2.01 -46.72
N LEU D 100 -24.29 -2.07 -47.74
CA LEU D 100 -24.59 -0.90 -48.54
C LEU D 100 -25.11 0.24 -47.68
N ARG D 101 -24.51 1.41 -47.86
CA ARG D 101 -24.92 2.65 -47.20
C ARG D 101 -24.67 2.63 -45.69
N GLU D 102 -23.75 1.77 -45.22
CA GLU D 102 -23.36 1.76 -43.81
C GLU D 102 -21.87 2.11 -43.71
N PRO D 103 -21.50 3.13 -42.92
CA PRO D 103 -20.09 3.57 -42.91
C PRO D 103 -19.11 2.43 -42.67
N ASN D 104 -17.96 2.54 -43.34
CA ASN D 104 -16.91 1.51 -43.28
C ASN D 104 -15.58 2.21 -43.51
N VAL D 105 -14.51 1.43 -43.55
CA VAL D 105 -13.16 1.98 -43.72
C VAL D 105 -12.39 1.11 -44.70
N LEU D 106 -11.79 1.74 -45.70
CA LEU D 106 -10.84 1.09 -46.58
C LEU D 106 -9.45 1.19 -45.98
N ILE D 107 -8.72 0.07 -45.97
CA ILE D 107 -7.34 0.00 -45.50
C ILE D 107 -6.46 -0.35 -46.68
N CYS D 108 -5.42 0.44 -46.89
CA CYS D 108 -4.39 0.17 -47.89
C CYS D 108 -3.14 -0.26 -47.15
N PHE D 109 -2.73 -1.52 -47.36
CA PHE D 109 -1.53 -2.11 -46.79
C PHE D 109 -0.42 -2.00 -47.81
N ILE D 110 0.65 -1.30 -47.47
CA ILE D 110 1.85 -1.22 -48.30
C ILE D 110 2.93 -1.98 -47.54
N ASP D 111 3.52 -2.98 -48.18
CA ASP D 111 4.34 -3.92 -47.44
C ASP D 111 5.59 -4.31 -48.22
N LYS D 112 6.62 -4.68 -47.47
CA LYS D 112 7.79 -5.35 -48.00
C LYS D 112 8.54 -4.46 -48.99
N PHE D 113 8.77 -3.21 -48.61
CA PHE D 113 9.45 -2.27 -49.49
C PHE D 113 10.55 -1.54 -48.74
N THR D 114 11.45 -0.93 -49.52
CA THR D 114 12.53 -0.08 -49.05
C THR D 114 13.09 0.64 -50.27
N PRO D 115 13.65 1.85 -50.12
CA PRO D 115 13.79 2.65 -48.89
C PRO D 115 12.44 3.20 -48.41
N PRO D 116 12.38 3.74 -47.18
CA PRO D 116 11.10 4.24 -46.65
C PRO D 116 10.69 5.60 -47.20
N VAL D 117 10.33 5.61 -48.49
CA VAL D 117 9.80 6.78 -49.18
C VAL D 117 8.73 6.27 -50.12
N VAL D 118 7.51 6.76 -49.97
CA VAL D 118 6.40 6.30 -50.79
C VAL D 118 5.43 7.45 -50.99
N ASN D 119 4.72 7.43 -52.11
CA ASN D 119 3.68 8.44 -52.37
C ASN D 119 2.36 7.71 -52.53
N VAL D 120 1.42 7.99 -51.63
CA VAL D 120 0.15 7.26 -51.58
C VAL D 120 -1.00 8.22 -51.81
N THR D 121 -1.94 7.82 -52.64
CA THR D 121 -3.14 8.60 -52.89
C THR D 121 -4.35 7.69 -52.92
N TRP D 122 -5.40 8.09 -52.21
CA TRP D 122 -6.70 7.44 -52.36
C TRP D 122 -7.42 8.09 -53.54
N LEU D 123 -8.05 7.25 -54.36
CA LEU D 123 -8.77 7.71 -55.54
C LEU D 123 -10.20 7.21 -55.44
N ARG D 124 -11.16 8.12 -55.47
CA ARG D 124 -12.57 7.76 -55.61
C ARG D 124 -12.99 8.13 -57.02
N ASN D 125 -13.36 7.13 -57.81
CA ASN D 125 -13.76 7.33 -59.21
C ASN D 125 -12.68 8.14 -59.96
N GLY D 126 -11.41 7.84 -59.67
CA GLY D 126 -10.30 8.51 -60.29
C GLY D 126 -9.93 9.87 -59.72
N LYS D 127 -10.68 10.40 -58.76
CA LYS D 127 -10.33 11.70 -58.21
C LYS D 127 -9.61 11.52 -56.88
N PRO D 128 -8.50 12.21 -56.66
CA PRO D 128 -7.81 12.09 -55.37
C PRO D 128 -8.70 12.52 -54.21
N VAL D 129 -8.60 11.77 -53.12
CA VAL D 129 -9.29 12.08 -51.88
C VAL D 129 -8.20 12.24 -50.83
N THR D 130 -8.16 13.41 -50.21
CA THR D 130 -7.15 13.73 -49.20
C THR D 130 -7.80 14.21 -47.91
N THR D 131 -9.13 14.13 -47.82
CA THR D 131 -9.90 14.56 -46.68
C THR D 131 -10.43 13.34 -45.95
N GLY D 132 -10.28 13.32 -44.63
CA GLY D 132 -10.71 12.22 -43.80
C GLY D 132 -9.77 11.04 -43.83
N VAL D 133 -8.73 11.09 -44.66
CA VAL D 133 -7.78 10.02 -44.73
C VAL D 133 -6.90 10.02 -43.48
N SER D 134 -6.31 8.87 -43.21
CA SER D 134 -5.37 8.77 -42.10
C SER D 134 -4.25 7.85 -42.54
N GLU D 135 -3.09 7.96 -41.88
CA GLU D 135 -1.97 7.15 -42.29
C GLU D 135 -1.00 6.98 -41.13
N THR D 136 -0.23 5.90 -41.19
CA THR D 136 0.79 5.59 -40.21
C THR D 136 2.17 5.97 -40.73
N VAL D 137 3.14 5.97 -39.83
CA VAL D 137 4.55 6.09 -40.22
C VAL D 137 5.02 4.74 -40.76
N PHE D 138 6.29 4.62 -41.12
CA PHE D 138 6.83 3.37 -41.63
C PHE D 138 7.08 2.38 -40.49
N LEU D 139 6.53 1.18 -40.63
CA LEU D 139 6.75 0.21 -39.54
C LEU D 139 7.86 -0.77 -39.92
N PRO D 140 8.64 -1.23 -38.94
CA PRO D 140 9.79 -2.09 -39.25
C PRO D 140 9.37 -3.51 -39.57
N ARG D 141 10.24 -4.19 -40.32
CA ARG D 141 10.05 -5.60 -40.65
C ARG D 141 11.31 -6.37 -40.29
N GLU D 142 11.14 -7.64 -39.95
CA GLU D 142 12.28 -8.45 -39.53
C GLU D 142 13.29 -8.61 -40.66
N ASP D 143 12.84 -8.57 -41.91
CA ASP D 143 13.76 -8.60 -43.04
C ASP D 143 14.29 -7.22 -43.40
N HIS D 144 14.07 -6.22 -42.53
CA HIS D 144 14.58 -4.86 -42.66
C HIS D 144 13.92 -4.09 -43.80
N LEU D 145 12.78 -4.57 -44.29
CA LEU D 145 11.91 -3.80 -45.17
C LEU D 145 10.92 -3.00 -44.32
N PHE D 146 9.90 -2.42 -44.95
CA PHE D 146 8.98 -1.55 -44.24
C PHE D 146 7.53 -1.87 -44.64
N ARG D 147 6.62 -1.49 -43.73
CA ARG D 147 5.18 -1.55 -43.88
C ARG D 147 4.61 -0.16 -43.63
N LYS D 148 3.43 0.10 -44.21
CA LYS D 148 2.74 1.35 -44.01
C LYS D 148 1.25 1.09 -44.21
N PHE D 149 0.42 1.84 -43.48
CA PHE D 149 -1.03 1.72 -43.59
C PHE D 149 -1.64 3.08 -43.91
N HIS D 150 -2.57 3.09 -44.87
CA HIS D 150 -3.43 4.25 -45.10
C HIS D 150 -4.89 3.85 -44.92
N TYR D 151 -5.70 4.79 -44.45
CA TYR D 151 -7.09 4.53 -44.11
C TYR D 151 -8.00 5.57 -44.75
N LEU D 152 -9.17 5.11 -45.20
CA LEU D 152 -10.18 5.96 -45.82
C LEU D 152 -11.58 5.58 -45.34
N PRO D 153 -12.16 6.35 -44.42
CA PRO D 153 -13.57 6.15 -44.09
C PRO D 153 -14.44 6.44 -45.31
N PHE D 154 -15.49 5.67 -45.49
CA PHE D 154 -16.33 5.87 -46.67
C PHE D 154 -17.70 5.25 -46.42
N LEU D 155 -18.66 5.65 -47.26
CA LEU D 155 -20.01 5.10 -47.25
C LEU D 155 -20.18 4.18 -48.46
N PRO D 156 -20.18 2.86 -48.30
CA PRO D 156 -20.24 1.97 -49.47
C PRO D 156 -21.52 2.16 -50.26
N SER D 157 -21.39 2.14 -51.58
CA SER D 157 -22.51 2.22 -52.51
C SER D 157 -22.13 1.49 -53.79
N THR D 158 -23.14 1.19 -54.60
CA THR D 158 -22.90 0.61 -55.92
C THR D 158 -22.35 1.62 -56.91
N GLU D 159 -22.25 2.90 -56.55
CA GLU D 159 -21.94 3.97 -57.49
C GLU D 159 -20.49 4.43 -57.47
N ASP D 160 -19.69 4.01 -56.49
CA ASP D 160 -18.32 4.48 -56.34
C ASP D 160 -17.32 3.33 -56.52
N VAL D 161 -16.19 3.63 -57.17
CA VAL D 161 -15.04 2.74 -57.20
C VAL D 161 -13.87 3.45 -56.53
N TYR D 162 -12.95 2.67 -55.98
CA TYR D 162 -11.82 3.21 -55.24
C TYR D 162 -10.52 2.56 -55.71
N ASP D 163 -9.43 3.30 -55.60
CA ASP D 163 -8.09 2.80 -55.82
C ASP D 163 -7.17 3.38 -54.76
N CYS D 164 -6.20 2.58 -54.35
CA CYS D 164 -5.03 3.05 -53.62
C CYS D 164 -3.88 3.11 -54.60
N ARG D 165 -3.34 4.30 -54.83
CA ARG D 165 -2.26 4.49 -55.79
C ARG D 165 -0.96 4.70 -55.03
N VAL D 166 0.01 3.83 -55.29
CA VAL D 166 1.30 3.83 -54.62
C VAL D 166 2.36 4.09 -55.67
N GLU D 167 3.22 5.07 -55.40
CA GLU D 167 4.37 5.40 -56.21
C GLU D 167 5.63 5.12 -55.40
N HIS D 168 6.62 4.51 -56.04
CA HIS D 168 7.86 4.12 -55.40
C HIS D 168 8.94 3.94 -56.46
N TRP D 169 10.20 4.16 -56.04
CA TRP D 169 11.34 4.05 -56.96
C TRP D 169 11.58 2.64 -57.46
N GLY D 170 11.04 1.63 -56.79
CA GLY D 170 11.17 0.26 -57.27
C GLY D 170 10.13 -0.14 -58.28
N LEU D 171 9.11 0.70 -58.48
CA LEU D 171 8.05 0.46 -59.44
C LEU D 171 8.33 1.20 -60.75
N ASP D 172 8.10 0.50 -61.86
CA ASP D 172 8.22 1.16 -63.16
C ASP D 172 7.11 2.18 -63.38
N GLU D 173 5.94 1.97 -62.78
CA GLU D 173 4.81 2.89 -62.95
C GLU D 173 3.98 2.86 -61.67
N PRO D 174 3.13 3.86 -61.46
CA PRO D 174 2.25 3.86 -60.29
C PRO D 174 1.39 2.60 -60.21
N LEU D 175 1.27 2.06 -59.00
CA LEU D 175 0.52 0.85 -58.74
C LEU D 175 -0.85 1.23 -58.20
N LEU D 176 -1.91 0.77 -58.85
CA LEU D 176 -3.27 1.01 -58.39
C LEU D 176 -3.87 -0.29 -57.89
N LYS D 177 -4.29 -0.30 -56.63
CA LYS D 177 -4.99 -1.46 -56.07
C LYS D 177 -6.44 -1.07 -55.88
N HIS D 178 -7.33 -1.88 -56.45
CA HIS D 178 -8.70 -1.48 -56.72
C HIS D 178 -9.66 -2.09 -55.71
N TRP D 179 -10.72 -1.34 -55.40
CA TRP D 179 -11.82 -1.89 -54.61
C TRP D 179 -13.15 -1.37 -55.14
N GLU D 180 -14.13 -2.27 -55.14
CA GLU D 180 -15.49 -2.00 -55.61
C GLU D 180 -16.43 -2.82 -54.76
N PHE D 181 -17.66 -2.34 -54.62
CA PHE D 181 -18.70 -3.22 -54.12
C PHE D 181 -19.05 -4.22 -55.20
N ASP D 182 -19.01 -5.51 -54.87
CA ASP D 182 -19.35 -6.57 -55.82
C ASP D 182 -20.44 -7.45 -55.22
N ALA D 183 -21.67 -7.29 -55.69
CA ALA D 183 -22.81 -8.16 -55.35
C ALA D 183 -22.86 -8.57 -53.88
N MET E 4 9.04 8.66 -58.30
CA MET E 4 9.27 9.99 -58.85
C MET E 4 10.57 10.06 -59.64
N GLY E 5 11.02 11.28 -59.93
CA GLY E 5 12.19 11.47 -60.76
C GLY E 5 13.51 11.66 -60.04
N ASP E 6 13.49 11.75 -58.71
CA ASP E 6 14.72 11.96 -57.92
C ASP E 6 15.51 10.64 -57.81
N THR E 7 15.87 10.10 -58.97
CA THR E 7 16.65 8.86 -59.06
C THR E 7 18.03 8.94 -58.41
N ARG E 8 18.35 10.03 -57.70
CA ARG E 8 19.61 10.13 -56.96
C ARG E 8 19.75 8.93 -56.01
N PRO E 9 20.97 8.44 -55.80
CA PRO E 9 21.16 7.28 -54.92
C PRO E 9 20.76 7.56 -53.49
N ARG E 10 20.31 6.51 -52.80
CA ARG E 10 19.85 6.60 -51.42
C ARG E 10 20.71 5.74 -50.51
N PHE E 11 20.91 6.20 -49.28
CA PHE E 11 21.71 5.52 -48.27
C PHE E 11 20.92 5.52 -46.97
N LEU E 12 20.70 4.34 -46.41
CA LEU E 12 19.79 4.15 -45.29
C LEU E 12 20.51 3.49 -44.13
N TRP E 13 20.26 3.99 -42.91
CA TRP E 13 20.82 3.43 -41.69
C TRP E 13 19.68 3.20 -40.69
N GLN E 14 19.56 1.97 -40.21
CA GLN E 14 18.54 1.58 -39.25
C GLN E 14 19.19 1.10 -37.97
N LEU E 15 18.54 1.40 -36.84
CA LEU E 15 18.97 0.90 -35.53
C LEU E 15 17.74 0.31 -34.84
N LYS E 16 17.83 -0.94 -34.41
CA LYS E 16 16.71 -1.63 -33.78
C LYS E 16 17.14 -2.21 -32.45
N PHE E 17 16.40 -1.88 -31.40
CA PHE E 17 16.54 -2.55 -30.11
C PHE E 17 15.35 -3.48 -29.93
N GLU E 18 15.60 -4.79 -30.02
CA GLU E 18 14.55 -5.80 -29.91
C GLU E 18 14.60 -6.44 -28.53
N CYS E 19 13.52 -6.30 -27.77
CA CYS E 19 13.37 -6.98 -26.49
C CYS E 19 12.43 -8.16 -26.67
N HIS E 20 12.95 -9.37 -26.48
CA HIS E 20 12.16 -10.59 -26.59
C HIS E 20 11.86 -11.10 -25.20
N PHE E 21 10.57 -11.37 -24.94
CA PHE E 21 10.09 -11.76 -23.63
C PHE E 21 9.48 -13.16 -23.71
N PHE E 22 9.82 -14.01 -22.75
CA PHE E 22 9.28 -15.35 -22.65
C PHE E 22 8.78 -15.61 -21.24
N ASN E 23 7.57 -16.17 -21.16
CA ASN E 23 6.89 -16.52 -19.90
C ASN E 23 6.74 -15.28 -19.01
N GLY E 24 6.03 -14.30 -19.55
CA GLY E 24 5.94 -12.99 -18.92
C GLY E 24 7.26 -12.27 -19.07
N THR E 25 7.97 -12.10 -17.97
CA THR E 25 9.31 -11.54 -18.00
C THR E 25 10.34 -12.47 -17.40
N GLU E 26 10.01 -13.77 -17.27
CA GLU E 26 10.96 -14.68 -16.64
C GLU E 26 12.24 -14.78 -17.47
N ARG E 27 12.12 -14.83 -18.79
CA ARG E 27 13.29 -14.90 -19.66
C ARG E 27 13.26 -13.72 -20.61
N VAL E 28 14.37 -13.01 -20.74
CA VAL E 28 14.42 -11.81 -21.58
C VAL E 28 15.71 -11.82 -22.39
N ARG E 29 15.61 -11.50 -23.68
CA ARG E 29 16.77 -11.40 -24.57
C ARG E 29 16.74 -10.07 -25.31
N LEU E 30 17.86 -9.35 -25.30
CA LEU E 30 17.99 -8.08 -26.00
C LEU E 30 18.86 -8.26 -27.24
N LEU E 31 18.38 -7.75 -28.37
CA LEU E 31 19.10 -7.80 -29.64
C LEU E 31 19.18 -6.41 -30.24
N GLU E 32 20.35 -5.79 -30.20
CA GLU E 32 20.57 -4.49 -30.82
C GLU E 32 21.18 -4.72 -32.20
N ARG E 33 20.54 -4.20 -33.23
CA ARG E 33 20.93 -4.49 -34.60
C ARG E 33 21.15 -3.18 -35.34
N CYS E 34 22.27 -3.06 -36.04
CA CYS E 34 22.56 -1.91 -36.87
C CYS E 34 22.55 -2.38 -38.33
N ILE E 35 21.71 -1.75 -39.15
CA ILE E 35 21.50 -2.19 -40.52
C ILE E 35 21.86 -1.05 -41.47
N TYR E 36 22.80 -1.31 -42.36
CA TYR E 36 23.11 -0.37 -43.42
C TYR E 36 22.36 -0.83 -44.67
N ASN E 37 21.58 0.09 -45.24
CA ASN E 37 20.69 -0.23 -46.36
C ASN E 37 19.78 -1.40 -46.02
N GLN E 38 20.11 -2.59 -46.50
CA GLN E 38 19.33 -3.78 -46.18
C GLN E 38 20.18 -4.91 -45.60
N GLU E 39 21.43 -4.64 -45.24
CA GLU E 39 22.28 -5.66 -44.63
C GLU E 39 22.59 -5.27 -43.19
N GLU E 40 22.36 -6.20 -42.28
CA GLU E 40 22.77 -6.02 -40.90
C GLU E 40 24.29 -6.16 -40.82
N SER E 41 24.94 -5.17 -40.22
CA SER E 41 26.41 -5.11 -40.17
C SER E 41 26.99 -5.49 -38.82
N VAL E 42 26.35 -5.10 -37.72
CA VAL E 42 26.86 -5.39 -36.39
C VAL E 42 25.69 -5.45 -35.42
N ARG E 43 25.79 -6.35 -34.44
CA ARG E 43 24.71 -6.58 -33.48
C ARG E 43 25.27 -6.83 -32.09
N PHE E 44 24.40 -6.67 -31.10
CA PHE E 44 24.65 -7.04 -29.72
C PHE E 44 23.53 -7.95 -29.23
N ASP E 45 23.88 -9.18 -28.90
CA ASP E 45 22.94 -10.20 -28.43
C ASP E 45 23.24 -10.42 -26.95
N SER E 46 22.25 -10.12 -26.09
CA SER E 46 22.48 -10.23 -24.65
C SER E 46 22.88 -11.64 -24.23
N ASP E 47 22.53 -12.66 -25.03
CA ASP E 47 22.99 -14.00 -24.75
C ASP E 47 24.48 -14.17 -25.07
N VAL E 48 25.02 -13.32 -25.94
CA VAL E 48 26.45 -13.36 -26.26
C VAL E 48 27.24 -12.47 -25.32
N GLY E 49 26.72 -11.27 -25.00
CA GLY E 49 27.38 -10.40 -24.05
C GLY E 49 28.33 -9.39 -24.65
N GLU E 50 28.54 -9.39 -25.96
CA GLU E 50 29.39 -8.39 -26.60
C GLU E 50 28.94 -8.20 -28.03
N TYR E 51 29.37 -7.08 -28.62
CA TYR E 51 29.04 -6.80 -30.01
C TYR E 51 29.77 -7.79 -30.92
N ARG E 52 29.06 -8.23 -31.96
CA ARG E 52 29.61 -9.10 -32.99
C ARG E 52 29.28 -8.53 -34.36
N ALA E 53 30.26 -8.58 -35.25
CA ALA E 53 30.03 -8.14 -36.63
C ALA E 53 29.30 -9.23 -37.41
N VAL E 54 28.24 -8.85 -38.11
CA VAL E 54 27.56 -9.78 -39.00
C VAL E 54 28.22 -9.80 -40.37
N THR E 55 28.61 -8.62 -40.85
CA THR E 55 29.34 -8.48 -42.10
C THR E 55 30.66 -7.77 -41.85
N GLU E 56 31.51 -7.78 -42.88
CA GLU E 56 32.79 -7.08 -42.80
C GLU E 56 32.61 -5.61 -42.46
N LEU E 57 31.57 -4.98 -43.01
CA LEU E 57 31.30 -3.57 -42.78
C LEU E 57 31.18 -3.23 -41.30
N GLY E 58 30.69 -4.17 -40.50
CA GLY E 58 30.51 -3.91 -39.10
C GLY E 58 31.68 -4.26 -38.23
N ARG E 59 32.73 -4.86 -38.78
CA ARG E 59 33.86 -5.27 -37.94
C ARG E 59 34.54 -4.08 -37.26
N PRO E 60 34.81 -2.95 -37.93
CA PRO E 60 35.40 -1.82 -37.20
C PRO E 60 34.55 -1.36 -36.02
N ASP E 61 33.22 -1.36 -36.17
CA ASP E 61 32.37 -0.89 -35.08
C ASP E 61 32.40 -1.84 -33.90
N ALA E 62 32.31 -3.15 -34.18
CA ALA E 62 32.30 -4.14 -33.12
C ALA E 62 33.55 -4.04 -32.26
N GLU E 63 34.71 -3.86 -32.90
CA GLU E 63 35.94 -3.71 -32.14
C GLU E 63 35.95 -2.43 -31.34
N TYR E 64 35.47 -1.33 -31.93
CA TYR E 64 35.46 -0.05 -31.21
C TYR E 64 34.53 -0.09 -30.01
N TRP E 65 33.34 -0.66 -30.19
CA TRP E 65 32.36 -0.67 -29.10
C TRP E 65 32.76 -1.67 -28.00
N ASN E 66 33.39 -2.78 -28.40
CA ASN E 66 33.84 -3.77 -27.41
C ASN E 66 35.03 -3.28 -26.61
N SER E 67 35.70 -2.22 -27.05
CA SER E 67 36.79 -1.62 -26.28
C SER E 67 36.28 -0.66 -25.21
N GLN E 68 34.97 -0.46 -25.13
CA GLN E 68 34.35 0.42 -24.14
C GLN E 68 33.67 -0.45 -23.09
N LYS E 69 34.30 -0.58 -21.92
CA LYS E 69 33.74 -1.45 -20.89
C LYS E 69 32.54 -0.81 -20.20
N ASP E 70 32.48 0.52 -20.16
CA ASP E 70 31.31 1.19 -19.58
C ASP E 70 30.07 0.94 -20.44
N LEU E 71 30.18 1.15 -21.75
CA LEU E 71 29.07 0.84 -22.66
C LEU E 71 28.72 -0.64 -22.59
N LEU E 72 29.74 -1.50 -22.48
CA LEU E 72 29.49 -2.93 -22.42
C LEU E 72 28.70 -3.30 -21.16
N GLU E 73 29.11 -2.77 -20.01
CA GLU E 73 28.38 -3.06 -18.77
C GLU E 73 26.95 -2.52 -18.85
N GLN E 74 26.77 -1.33 -19.42
CA GLN E 74 25.41 -0.80 -19.55
C GLN E 74 24.55 -1.73 -20.40
N ARG E 75 25.09 -2.21 -21.53
CA ARG E 75 24.30 -3.09 -22.40
C ARG E 75 24.07 -4.47 -21.78
N ARG E 76 25.02 -5.00 -21.04
CA ARG E 76 24.80 -6.29 -20.37
C ARG E 76 23.64 -6.22 -19.39
N ALA E 77 23.46 -5.09 -18.72
CA ALA E 77 22.37 -4.92 -17.76
C ALA E 77 21.08 -4.42 -18.38
N ALA E 78 21.07 -4.12 -19.68
CA ALA E 78 19.90 -3.51 -20.29
C ALA E 78 18.67 -4.41 -20.31
N VAL E 79 18.85 -5.73 -20.16
CA VAL E 79 17.70 -6.62 -20.09
C VAL E 79 16.79 -6.23 -18.93
N ASP E 80 17.36 -5.67 -17.86
CA ASP E 80 16.57 -5.23 -16.72
C ASP E 80 16.20 -3.75 -16.82
N THR E 81 17.18 -2.88 -17.05
CA THR E 81 16.92 -1.43 -17.03
C THR E 81 16.10 -0.97 -18.23
N TYR E 82 16.16 -1.68 -19.34
CA TYR E 82 15.48 -1.25 -20.57
C TYR E 82 14.28 -2.14 -20.91
N CYS E 83 14.53 -3.42 -21.17
CA CYS E 83 13.46 -4.32 -21.62
C CYS E 83 12.40 -4.52 -20.53
N ARG E 84 12.81 -5.06 -19.37
CA ARG E 84 11.81 -5.35 -18.33
C ARG E 84 11.09 -4.07 -17.91
N HIS E 85 11.82 -2.95 -17.82
CA HIS E 85 11.18 -1.69 -17.44
C HIS E 85 10.12 -1.28 -18.47
N ASN E 86 10.46 -1.29 -19.75
CA ASN E 86 9.50 -0.83 -20.75
C ASN E 86 8.33 -1.79 -20.86
N TYR E 87 8.57 -3.09 -20.66
CA TYR E 87 7.48 -4.05 -20.56
C TYR E 87 6.52 -3.64 -19.46
N GLY E 88 7.06 -3.32 -18.28
CA GLY E 88 6.19 -2.94 -17.17
C GLY E 88 5.46 -1.64 -17.45
N VAL E 89 6.14 -0.67 -18.05
CA VAL E 89 5.52 0.60 -18.36
C VAL E 89 4.28 0.40 -19.23
N GLY E 90 4.41 -0.41 -20.28
CA GLY E 90 3.31 -0.57 -21.21
C GLY E 90 2.42 -1.79 -21.06
N GLU E 91 2.60 -2.60 -20.00
CA GLU E 91 1.89 -3.87 -19.90
C GLU E 91 0.37 -3.72 -19.98
N SER E 92 -0.20 -2.71 -19.31
CA SER E 92 -1.65 -2.66 -19.12
C SER E 92 -2.41 -2.47 -20.43
N PHE E 93 -1.82 -1.78 -21.40
CA PHE E 93 -2.51 -1.51 -22.65
C PHE E 93 -1.88 -2.21 -23.84
N THR E 94 -0.93 -3.12 -23.60
CA THR E 94 -0.36 -3.93 -24.67
C THR E 94 -0.59 -5.40 -24.40
N VAL E 95 0.18 -5.96 -23.47
CA VAL E 95 0.03 -7.38 -23.11
C VAL E 95 -1.40 -7.68 -22.69
N GLN E 96 -2.02 -6.78 -21.93
CA GLN E 96 -3.33 -7.03 -21.37
C GLN E 96 -4.45 -6.45 -22.20
N ARG E 97 -4.13 -5.90 -23.38
CA ARG E 97 -5.17 -5.39 -24.25
C ARG E 97 -6.07 -6.54 -24.69
N ARG E 98 -7.37 -6.34 -24.52
CA ARG E 98 -8.36 -7.35 -24.87
C ARG E 98 -9.50 -6.62 -25.56
N VAL E 99 -9.67 -6.88 -26.86
CA VAL E 99 -10.78 -6.32 -27.61
C VAL E 99 -11.54 -7.49 -28.23
N GLU E 100 -12.83 -7.57 -27.93
CA GLU E 100 -13.64 -8.71 -28.32
C GLU E 100 -13.90 -8.68 -29.82
N PRO E 101 -13.93 -9.84 -30.49
CA PRO E 101 -14.22 -9.85 -31.93
C PRO E 101 -15.70 -9.71 -32.24
N LYS E 102 -15.96 -9.10 -33.39
CA LYS E 102 -17.28 -9.04 -34.00
C LYS E 102 -17.38 -10.18 -35.00
N VAL E 103 -18.36 -11.07 -34.79
CA VAL E 103 -18.50 -12.31 -35.56
C VAL E 103 -19.79 -12.25 -36.36
N THR E 104 -19.68 -12.38 -37.68
CA THR E 104 -20.84 -12.49 -38.57
C THR E 104 -20.70 -13.72 -39.45
N VAL E 105 -21.83 -14.26 -39.87
CA VAL E 105 -21.87 -15.39 -40.80
C VAL E 105 -22.80 -15.02 -41.95
N TYR E 106 -22.31 -15.21 -43.17
CA TYR E 106 -23.15 -14.86 -44.31
C TYR E 106 -22.73 -15.70 -45.51
N PRO E 107 -23.65 -16.03 -46.40
CA PRO E 107 -23.27 -16.75 -47.62
C PRO E 107 -22.50 -15.83 -48.55
N SER E 108 -21.50 -16.37 -49.24
CA SER E 108 -20.72 -15.54 -50.13
C SER E 108 -21.61 -14.99 -51.24
N LYS E 109 -22.55 -15.80 -51.74
CA LYS E 109 -23.50 -15.37 -52.74
C LYS E 109 -24.89 -15.84 -52.33
N THR E 110 -25.91 -15.02 -52.62
CA THR E 110 -27.29 -15.34 -52.29
C THR E 110 -27.96 -16.07 -53.45
N GLN E 111 -28.35 -17.32 -53.22
CA GLN E 111 -28.66 -18.22 -54.31
C GLN E 111 -29.51 -19.36 -53.77
N PRO E 112 -30.18 -20.13 -54.64
CA PRO E 112 -30.94 -21.29 -54.17
C PRO E 112 -30.03 -22.35 -53.56
N LEU E 113 -30.68 -23.30 -52.91
CA LEU E 113 -30.04 -24.41 -52.23
C LEU E 113 -29.55 -25.45 -53.23
N GLN E 114 -28.80 -26.43 -52.71
CA GLN E 114 -28.24 -27.55 -53.46
C GLN E 114 -27.25 -27.11 -54.53
N HIS E 115 -26.66 -25.94 -54.37
CA HIS E 115 -25.55 -25.49 -55.21
C HIS E 115 -24.42 -25.06 -54.29
N HIS E 116 -23.19 -25.26 -54.76
CA HIS E 116 -22.02 -25.00 -53.92
C HIS E 116 -21.97 -23.54 -53.49
N ASN E 117 -21.48 -23.32 -52.27
CA ASN E 117 -21.40 -21.96 -51.75
C ASN E 117 -20.25 -21.86 -50.75
N LEU E 118 -19.74 -20.65 -50.62
CA LEU E 118 -18.74 -20.32 -49.61
C LEU E 118 -19.46 -19.63 -48.46
N LEU E 119 -19.49 -20.29 -47.30
CA LEU E 119 -20.05 -19.69 -46.09
C LEU E 119 -18.94 -18.92 -45.40
N VAL E 120 -19.14 -17.62 -45.19
CA VAL E 120 -18.11 -16.76 -44.63
C VAL E 120 -18.39 -16.55 -43.15
N CYS E 121 -17.39 -16.84 -42.30
CA CYS E 121 -17.36 -16.41 -40.91
C CYS E 121 -16.35 -15.26 -40.83
N SER E 122 -16.86 -14.05 -40.61
CA SER E 122 -16.07 -12.83 -40.52
C SER E 122 -15.84 -12.53 -39.05
N VAL E 123 -14.57 -12.45 -38.66
CA VAL E 123 -14.16 -12.20 -37.28
C VAL E 123 -13.28 -10.95 -37.31
N SER E 124 -13.81 -9.82 -36.82
CA SER E 124 -13.14 -8.55 -37.04
C SER E 124 -13.01 -7.73 -35.76
N GLY E 125 -12.01 -6.85 -35.76
CA GLY E 125 -11.83 -5.86 -34.71
C GLY E 125 -11.27 -6.36 -33.41
N PHE E 126 -10.56 -7.50 -33.42
CA PHE E 126 -10.15 -8.14 -32.18
C PHE E 126 -8.66 -7.96 -31.89
N TYR E 127 -8.34 -8.14 -30.61
CA TYR E 127 -6.97 -8.08 -30.09
C TYR E 127 -6.94 -8.90 -28.80
N PRO E 128 -5.94 -9.76 -28.59
CA PRO E 128 -4.78 -9.94 -29.47
C PRO E 128 -5.03 -10.87 -30.65
N GLY E 129 -3.95 -11.26 -31.33
CA GLY E 129 -4.10 -11.98 -32.59
C GLY E 129 -4.50 -13.43 -32.41
N SER E 130 -4.06 -14.07 -31.34
CA SER E 130 -4.33 -15.49 -31.14
C SER E 130 -5.83 -15.73 -31.07
N ILE E 131 -6.31 -16.67 -31.89
CA ILE E 131 -7.73 -16.91 -32.03
C ILE E 131 -7.93 -18.24 -32.73
N GLU E 132 -9.03 -18.92 -32.40
CA GLU E 132 -9.34 -20.20 -33.03
C GLU E 132 -10.78 -20.17 -33.54
N VAL E 133 -10.95 -20.42 -34.84
CA VAL E 133 -12.26 -20.40 -35.49
C VAL E 133 -12.53 -21.80 -36.01
N ARG E 134 -13.73 -22.32 -35.72
CA ARG E 134 -14.12 -23.65 -36.16
C ARG E 134 -15.53 -23.63 -36.74
N TRP E 135 -15.74 -24.44 -37.78
CA TRP E 135 -17.03 -24.57 -38.44
C TRP E 135 -17.70 -25.88 -38.02
N PHE E 136 -19.02 -25.84 -37.91
CA PHE E 136 -19.82 -27.00 -37.54
C PHE E 136 -21.03 -27.08 -38.48
N ARG E 137 -21.34 -28.30 -38.90
CA ARG E 137 -22.57 -28.60 -39.66
C ARG E 137 -23.42 -29.50 -38.78
N ASN E 138 -24.58 -28.99 -38.36
CA ASN E 138 -25.49 -29.70 -37.46
C ASN E 138 -24.79 -30.21 -36.20
N GLY E 139 -23.80 -29.47 -35.73
CA GLY E 139 -23.07 -29.83 -34.53
C GLY E 139 -21.83 -30.69 -34.74
N GLN E 140 -21.54 -31.12 -35.96
CA GLN E 140 -20.34 -31.89 -36.24
C GLN E 140 -19.26 -30.96 -36.77
N GLU E 141 -18.09 -30.97 -36.12
CA GLU E 141 -16.99 -30.11 -36.56
C GLU E 141 -16.55 -30.53 -37.94
N GLU E 142 -16.61 -29.59 -38.88
CA GLU E 142 -16.15 -29.82 -40.24
C GLU E 142 -14.72 -29.28 -40.35
N LYS E 143 -13.76 -30.17 -40.55
CA LYS E 143 -12.36 -29.78 -40.61
C LYS E 143 -11.87 -29.60 -42.03
N ALA E 144 -12.63 -30.06 -43.01
CA ALA E 144 -12.25 -30.05 -44.42
C ALA E 144 -12.91 -28.88 -45.14
N GLY E 145 -12.32 -28.51 -46.28
CA GLY E 145 -12.86 -27.44 -47.09
C GLY E 145 -12.92 -26.10 -46.41
N VAL E 146 -11.98 -25.80 -45.53
CA VAL E 146 -11.93 -24.52 -44.82
C VAL E 146 -10.84 -23.67 -45.48
N VAL E 147 -11.24 -22.53 -46.03
CA VAL E 147 -10.36 -21.61 -46.72
C VAL E 147 -10.24 -20.37 -45.84
N SER E 148 -9.04 -20.12 -45.33
CA SER E 148 -8.83 -19.01 -44.40
C SER E 148 -7.93 -17.95 -45.01
N THR E 149 -8.28 -16.68 -44.79
CA THR E 149 -7.37 -15.61 -45.16
C THR E 149 -6.19 -15.52 -44.22
N GLY E 150 -6.25 -16.18 -43.07
CA GLY E 150 -5.24 -16.04 -42.05
C GLY E 150 -5.42 -14.75 -41.26
N LEU E 151 -4.44 -14.51 -40.39
CA LEU E 151 -4.49 -13.37 -39.49
C LEU E 151 -4.06 -12.11 -40.22
N ILE E 152 -4.93 -11.10 -40.21
CA ILE E 152 -4.67 -9.82 -40.89
C ILE E 152 -4.51 -8.74 -39.82
N GLN E 153 -3.33 -8.13 -39.79
CA GLN E 153 -3.06 -7.01 -38.90
C GLN E 153 -3.54 -5.72 -39.56
N ASN E 154 -4.48 -5.02 -38.93
CA ASN E 154 -5.06 -3.83 -39.52
C ASN E 154 -4.17 -2.61 -39.34
N GLY E 155 -3.19 -2.66 -38.43
CA GLY E 155 -2.34 -1.52 -38.17
C GLY E 155 -2.85 -0.59 -37.10
N ASP E 156 -4.05 -0.82 -36.56
CA ASP E 156 -4.64 0.05 -35.57
C ASP E 156 -4.87 -0.66 -34.24
N TRP E 157 -4.10 -1.72 -33.99
CA TRP E 157 -4.24 -2.56 -32.80
C TRP E 157 -5.52 -3.40 -32.82
N THR E 158 -6.00 -3.74 -34.02
CA THR E 158 -7.06 -4.72 -34.20
C THR E 158 -6.67 -5.67 -35.32
N PHE E 159 -7.22 -6.87 -35.27
CA PHE E 159 -7.04 -7.88 -36.30
C PHE E 159 -8.37 -8.20 -36.95
N GLN E 160 -8.30 -8.86 -38.10
CA GLN E 160 -9.48 -9.46 -38.71
C GLN E 160 -9.07 -10.73 -39.44
N THR E 161 -10.03 -11.63 -39.60
CA THR E 161 -9.83 -12.83 -40.38
C THR E 161 -11.18 -13.28 -40.94
N LEU E 162 -11.13 -13.84 -42.15
CA LEU E 162 -12.29 -14.40 -42.82
C LEU E 162 -12.04 -15.89 -42.98
N VAL E 163 -12.88 -16.71 -42.38
CA VAL E 163 -12.76 -18.16 -42.47
C VAL E 163 -13.97 -18.70 -43.23
N MET E 164 -13.73 -19.29 -44.39
CA MET E 164 -14.81 -19.73 -45.26
C MET E 164 -14.90 -21.24 -45.28
N LEU E 165 -16.14 -21.72 -45.37
CA LEU E 165 -16.44 -23.14 -45.44
C LEU E 165 -17.06 -23.43 -46.79
N GLU E 166 -16.48 -24.39 -47.49
CA GLU E 166 -17.08 -24.88 -48.73
C GLU E 166 -18.26 -25.77 -48.35
N THR E 167 -19.43 -25.47 -48.91
CA THR E 167 -20.65 -26.18 -48.53
C THR E 167 -21.49 -26.45 -49.78
N VAL E 168 -22.35 -27.46 -49.67
CA VAL E 168 -23.45 -27.63 -50.60
C VAL E 168 -24.71 -27.60 -49.75
N PRO E 169 -25.25 -26.42 -49.45
CA PRO E 169 -26.32 -26.31 -48.45
C PRO E 169 -27.61 -26.99 -48.89
N ARG E 170 -28.20 -27.76 -47.98
CA ARG E 170 -29.50 -28.36 -48.17
C ARG E 170 -30.45 -27.85 -47.11
N SER E 171 -31.75 -28.05 -47.33
CA SER E 171 -32.76 -27.50 -46.43
C SER E 171 -32.69 -28.17 -45.06
N GLY E 172 -32.87 -27.37 -44.02
CA GLY E 172 -32.86 -27.87 -42.67
C GLY E 172 -31.50 -27.99 -42.03
N GLU E 173 -30.44 -27.77 -42.80
CA GLU E 173 -29.10 -27.80 -42.22
C GLU E 173 -28.86 -26.51 -41.45
N VAL E 174 -28.15 -26.61 -40.33
CA VAL E 174 -27.77 -25.44 -39.54
C VAL E 174 -26.25 -25.44 -39.40
N TYR E 175 -25.62 -24.36 -39.84
CA TYR E 175 -24.18 -24.20 -39.77
C TYR E 175 -23.83 -23.25 -38.63
N THR E 176 -22.76 -23.56 -37.90
CA THR E 176 -22.35 -22.76 -36.76
C THR E 176 -20.88 -22.41 -36.87
N CYS E 177 -20.55 -21.14 -36.65
CA CYS E 177 -19.17 -20.69 -36.55
C CYS E 177 -18.88 -20.42 -35.08
N GLN E 178 -17.88 -21.11 -34.53
CA GLN E 178 -17.47 -20.96 -33.15
C GLN E 178 -16.11 -20.26 -33.13
N VAL E 179 -15.99 -19.26 -32.26
CA VAL E 179 -14.78 -18.45 -32.14
C VAL E 179 -14.33 -18.51 -30.69
N GLU E 180 -13.03 -18.77 -30.49
CA GLU E 180 -12.41 -18.77 -29.18
C GLU E 180 -11.31 -17.72 -29.19
N HIS E 181 -11.34 -16.84 -28.19
CA HIS E 181 -10.45 -15.68 -28.11
C HIS E 181 -10.27 -15.32 -26.65
N PRO E 182 -9.10 -14.83 -26.24
CA PRO E 182 -8.89 -14.51 -24.82
C PRO E 182 -9.83 -13.43 -24.26
N SER E 183 -10.44 -12.62 -25.13
CA SER E 183 -11.31 -11.54 -24.68
C SER E 183 -12.65 -12.03 -24.15
N VAL E 184 -12.98 -13.30 -24.36
CA VAL E 184 -14.28 -13.84 -23.97
C VAL E 184 -14.07 -15.12 -23.19
N THR E 185 -14.88 -15.30 -22.15
CA THR E 185 -14.74 -16.51 -21.34
C THR E 185 -15.39 -17.70 -22.03
N SER E 186 -16.56 -17.51 -22.65
CA SER E 186 -17.21 -18.57 -23.38
C SER E 186 -17.12 -18.32 -24.88
N PRO E 187 -17.01 -19.38 -25.69
CA PRO E 187 -16.83 -19.19 -27.13
C PRO E 187 -18.03 -18.47 -27.72
N LEU E 188 -17.76 -17.67 -28.75
CA LEU E 188 -18.82 -16.97 -29.49
C LEU E 188 -19.32 -17.89 -30.61
N THR E 189 -20.64 -17.99 -30.74
CA THR E 189 -21.22 -18.85 -31.77
C THR E 189 -22.24 -18.06 -32.56
N VAL E 190 -22.08 -18.07 -33.88
CA VAL E 190 -23.06 -17.47 -34.78
C VAL E 190 -23.52 -18.54 -35.75
N GLU E 191 -24.82 -18.66 -35.94
CA GLU E 191 -25.37 -19.71 -36.79
C GLU E 191 -26.03 -19.13 -38.04
N TRP E 192 -26.02 -19.94 -39.09
CA TRP E 192 -26.72 -19.66 -40.33
C TRP E 192 -27.56 -20.87 -40.69
N ARG E 193 -28.86 -20.64 -40.88
CA ARG E 193 -29.80 -21.70 -41.17
C ARG E 193 -30.07 -21.73 -42.67
N ALA E 194 -29.80 -22.88 -43.30
CA ALA E 194 -30.08 -23.06 -44.71
C ALA E 194 -31.57 -23.35 -44.92
N LEU F 1 2.53 8.61 -14.09
CA LEU F 1 2.98 8.36 -15.46
C LEU F 1 4.35 7.69 -15.51
N SER F 2 4.36 6.40 -15.83
CA SER F 2 5.62 5.71 -16.03
C SER F 2 6.23 6.12 -17.38
N TYR F 3 7.55 6.09 -17.46
CA TYR F 3 8.27 6.60 -18.61
C TYR F 3 8.98 5.49 -19.38
N TYR F 4 8.92 5.58 -20.71
CA TYR F 4 9.69 4.69 -21.56
C TYR F 4 11.16 5.07 -21.51
N LYS F 5 12.02 4.05 -21.36
CA LYS F 5 13.46 4.25 -21.33
C LYS F 5 14.03 4.18 -22.73
N LEU F 6 14.95 5.10 -23.04
CA LEU F 6 15.55 5.17 -24.36
C LEU F 6 16.73 4.21 -24.49
N GLY F 7 16.80 3.55 -25.64
CA GLY F 7 18.01 2.86 -26.04
C GLY F 7 18.93 3.83 -26.75
N ALA F 8 20.04 4.19 -26.11
CA ALA F 8 20.89 5.27 -26.59
C ALA F 8 21.70 4.86 -27.83
N SER F 9 21.66 5.70 -28.85
CA SER F 9 22.44 5.48 -30.06
C SER F 9 23.91 5.78 -29.81
N GLN F 10 24.78 4.88 -30.25
CA GLN F 10 26.22 5.03 -30.06
C GLN F 10 26.90 5.49 -31.33
N ARG F 11 27.97 6.27 -31.16
CA ARG F 11 28.77 6.73 -32.28
C ARG F 11 29.62 5.59 -32.82
N VAL F 12 29.71 5.50 -34.16
CA VAL F 12 30.39 4.37 -34.79
C VAL F 12 31.87 4.65 -34.95
N ALA F 13 32.62 3.59 -35.28
CA ALA F 13 34.05 3.66 -35.53
C ALA F 13 34.34 4.34 -36.86
N GLY F 14 35.53 4.91 -36.97
CA GLY F 14 35.95 5.58 -38.19
C GLY F 14 35.56 7.03 -38.28
N ASP F 15 35.13 7.64 -37.18
CA ASP F 15 34.71 9.04 -37.15
C ASP F 15 35.80 9.98 -37.66
N ILE G 2 -21.38 -10.28 26.95
CA ILE G 2 -22.52 -11.06 26.50
C ILE G 2 -23.68 -10.12 26.17
N LYS G 3 -23.37 -8.82 26.01
CA LYS G 3 -24.39 -7.84 25.67
C LYS G 3 -23.76 -6.60 25.08
N GLU G 4 -24.53 -5.91 24.25
CA GLU G 4 -24.21 -4.56 23.79
C GLU G 4 -24.36 -3.60 24.97
N GLU G 5 -24.32 -2.28 24.68
CA GLU G 5 -24.48 -1.30 25.76
C GLU G 5 -24.50 0.16 25.32
N HIS G 6 -24.48 1.03 26.32
CA HIS G 6 -23.93 2.37 26.26
C HIS G 6 -23.05 2.56 27.49
N VAL G 7 -22.08 3.46 27.39
CA VAL G 7 -21.14 3.71 28.47
C VAL G 7 -21.02 5.21 28.65
N ILE G 8 -21.23 5.67 29.89
CA ILE G 8 -21.01 7.05 30.29
C ILE G 8 -19.83 7.06 31.24
N ILE G 9 -18.85 7.91 30.97
CA ILE G 9 -17.63 7.96 31.75
C ILE G 9 -17.39 9.39 32.22
N GLN G 10 -17.21 9.55 33.52
CA GLN G 10 -16.69 10.80 34.07
C GLN G 10 -15.18 10.62 34.22
N ALA G 11 -14.40 11.37 33.44
CA ALA G 11 -12.96 11.22 33.45
C ALA G 11 -12.35 12.55 33.87
N GLU G 12 -11.42 12.50 34.83
CA GLU G 12 -10.74 13.69 35.30
C GLU G 12 -9.30 13.31 35.56
N PHE G 13 -8.44 14.31 35.55
CA PHE G 13 -7.05 14.06 35.88
C PHE G 13 -6.39 15.33 36.41
N TYR G 14 -5.25 15.12 37.07
CA TYR G 14 -4.34 16.19 37.43
C TYR G 14 -2.92 15.73 37.12
N LEU G 15 -2.15 16.64 36.53
CA LEU G 15 -0.80 16.40 36.05
C LEU G 15 0.17 17.40 36.64
N ASN G 16 1.29 16.88 37.19
CA ASN G 16 2.43 17.61 37.70
C ASN G 16 3.68 17.28 36.89
N PRO G 17 4.60 18.24 36.70
CA PRO G 17 4.63 19.58 37.32
C PRO G 17 3.86 20.64 36.55
N ASP G 18 3.17 20.25 35.49
CA ASP G 18 2.47 21.22 34.65
C ASP G 18 1.31 21.89 35.37
N GLN G 19 0.86 21.33 36.50
CA GLN G 19 -0.30 21.85 37.22
C GLN G 19 -1.50 21.95 36.30
N SER G 20 -1.76 20.88 35.54
CA SER G 20 -2.86 20.85 34.59
C SER G 20 -3.95 19.91 35.09
N GLY G 21 -5.19 20.35 35.01
CA GLY G 21 -6.31 19.54 35.44
C GLY G 21 -7.34 19.46 34.33
N GLU G 22 -8.17 18.42 34.40
CA GLU G 22 -9.24 18.26 33.43
C GLU G 22 -10.39 17.48 34.06
N PHE G 23 -11.60 17.82 33.63
CA PHE G 23 -12.82 17.16 34.07
C PHE G 23 -13.79 17.14 32.90
N MET G 24 -14.30 15.96 32.55
CA MET G 24 -15.19 15.83 31.41
C MET G 24 -16.11 14.63 31.56
N PHE G 25 -17.18 14.66 30.77
CA PHE G 25 -18.12 13.55 30.65
C PHE G 25 -18.11 13.03 29.22
N ASP G 26 -18.20 11.71 29.09
CA ASP G 26 -18.01 10.98 27.85
C ASP G 26 -19.20 10.04 27.66
N PHE G 27 -19.73 9.98 26.45
CA PHE G 27 -20.82 9.07 26.11
C PHE G 27 -20.40 8.27 24.87
N ASP G 28 -20.19 6.97 25.05
CA ASP G 28 -19.81 6.09 23.94
C ASP G 28 -18.60 6.64 23.18
N GLY G 29 -17.66 7.23 23.91
CA GLY G 29 -16.44 7.75 23.33
C GLY G 29 -16.48 9.20 22.89
N ASP G 30 -17.63 9.86 22.96
CA ASP G 30 -17.75 11.26 22.59
C ASP G 30 -17.91 12.13 23.82
N GLU G 31 -17.22 13.27 23.82
CA GLU G 31 -17.30 14.20 24.92
C GLU G 31 -18.68 14.84 24.99
N ILE G 32 -19.29 14.81 26.18
CA ILE G 32 -20.52 15.56 26.40
C ILE G 32 -20.20 17.00 26.73
N PHE G 33 -19.35 17.19 27.73
CA PHE G 33 -18.91 18.51 28.15
C PHE G 33 -17.61 18.35 28.91
N HIS G 34 -16.92 19.45 29.09
CA HIS G 34 -15.80 19.51 30.02
C HIS G 34 -15.97 20.80 30.83
N VAL G 35 -15.13 20.97 31.86
CA VAL G 35 -15.20 22.17 32.66
C VAL G 35 -13.95 22.99 32.39
N ASP G 36 -14.17 24.22 31.93
CA ASP G 36 -13.10 25.19 31.81
C ASP G 36 -12.69 25.63 33.20
N MET G 37 -11.46 25.25 33.58
CA MET G 37 -10.95 25.53 34.92
C MET G 37 -10.72 27.02 35.12
N ALA G 38 -10.22 27.70 34.08
CA ALA G 38 -9.94 29.13 34.19
C ALA G 38 -11.21 29.94 34.33
N LYS G 39 -12.21 29.64 33.50
CA LYS G 39 -13.48 30.34 33.59
C LYS G 39 -14.41 29.72 34.62
N LYS G 40 -14.07 28.53 35.13
CA LYS G 40 -14.93 27.84 36.08
C LYS G 40 -16.32 27.69 35.48
N GLU G 41 -16.38 27.16 34.25
CA GLU G 41 -17.63 27.12 33.52
C GLU G 41 -17.77 25.79 32.79
N THR G 42 -19.02 25.36 32.62
CA THR G 42 -19.32 24.15 31.86
C THR G 42 -19.31 24.47 30.37
N VAL G 43 -18.56 23.68 29.60
CA VAL G 43 -18.43 23.87 28.16
C VAL G 43 -18.97 22.61 27.48
N TRP G 44 -20.13 22.76 26.82
CA TRP G 44 -20.77 21.67 26.10
C TRP G 44 -20.11 21.42 24.75
N ARG G 45 -19.97 20.15 24.39
CA ARG G 45 -19.30 19.80 23.14
C ARG G 45 -20.11 20.22 21.93
N LEU G 46 -21.44 20.07 22.00
CA LEU G 46 -22.34 20.63 21.00
C LEU G 46 -23.27 21.61 21.71
N GLU G 47 -23.45 22.79 21.10
CA GLU G 47 -24.28 23.84 21.70
C GLU G 47 -25.64 23.30 22.12
N GLU G 48 -26.28 22.52 21.26
CA GLU G 48 -27.62 22.00 21.56
CA GLU G 48 -27.62 21.97 21.54
C GLU G 48 -27.69 21.37 22.93
N PHE G 49 -26.59 20.75 23.38
CA PHE G 49 -26.62 20.03 24.65
C PHE G 49 -27.05 20.93 25.80
N GLY G 50 -26.56 22.17 25.81
CA GLY G 50 -26.85 23.08 26.92
C GLY G 50 -28.30 23.51 27.00
N ARG G 51 -29.10 23.20 25.98
CA ARG G 51 -30.52 23.52 26.03
C ARG G 51 -31.32 22.51 26.84
N PHE G 52 -30.75 21.34 27.12
CA PHE G 52 -31.47 20.26 27.78
C PHE G 52 -30.86 19.83 29.10
N ALA G 53 -29.56 20.04 29.30
CA ALA G 53 -28.89 19.55 30.50
C ALA G 53 -28.05 20.67 31.10
N SER G 54 -27.69 20.49 32.37
CA SER G 54 -26.84 21.43 33.07
C SER G 54 -25.88 20.67 33.98
N PHE G 55 -24.85 21.36 34.43
CA PHE G 55 -23.90 20.81 35.38
C PHE G 55 -23.30 21.94 36.19
N GLU G 56 -23.33 21.81 37.51
CA GLU G 56 -22.75 22.83 38.39
C GLU G 56 -21.25 22.63 38.40
N ALA G 57 -20.53 23.54 37.73
CA ALA G 57 -19.11 23.37 37.46
C ALA G 57 -18.24 23.41 38.73
N GLN G 58 -18.74 23.98 39.81
CA GLN G 58 -17.93 24.11 41.02
C GLN G 58 -17.52 22.75 41.56
N GLY G 59 -18.38 21.74 41.41
CA GLY G 59 -18.01 20.41 41.87
C GLY G 59 -16.77 19.92 41.17
N ALA G 60 -16.65 20.19 39.88
CA ALA G 60 -15.45 19.74 39.17
C ALA G 60 -14.22 20.41 39.78
N LEU G 61 -14.32 21.71 40.11
CA LEU G 61 -13.17 22.37 40.71
C LEU G 61 -12.81 21.72 42.03
N ALA G 62 -13.82 21.38 42.85
CA ALA G 62 -13.53 20.75 44.12
C ALA G 62 -12.92 19.37 43.89
N ASN G 63 -13.41 18.65 42.87
CA ASN G 63 -12.81 17.36 42.54
C ASN G 63 -11.34 17.54 42.18
N ILE G 64 -11.05 18.55 41.34
CA ILE G 64 -9.67 18.74 40.89
C ILE G 64 -8.78 18.99 42.10
N ALA G 65 -9.28 19.75 43.08
CA ALA G 65 -8.45 20.01 44.25
C ALA G 65 -8.09 18.71 44.94
N VAL G 66 -9.07 17.82 45.14
CA VAL G 66 -8.76 16.55 45.78
C VAL G 66 -7.79 15.77 44.91
N ASP G 67 -8.02 15.78 43.60
CA ASP G 67 -7.13 15.04 42.72
C ASP G 67 -5.71 15.53 42.86
N LYS G 68 -5.53 16.84 42.96
CA LYS G 68 -4.18 17.36 43.09
C LYS G 68 -3.54 16.78 44.33
N ALA G 69 -4.25 16.83 45.46
CA ALA G 69 -3.67 16.31 46.70
C ALA G 69 -3.40 14.82 46.57
N ASN G 70 -4.32 14.08 45.93
CA ASN G 70 -4.08 12.64 45.81
C ASN G 70 -2.86 12.38 44.95
N LEU G 71 -2.67 13.17 43.89
CA LEU G 71 -1.51 12.94 43.05
C LEU G 71 -0.24 13.10 43.87
N GLU G 72 -0.21 14.09 44.76
CA GLU G 72 0.99 14.33 45.52
C GLU G 72 1.23 13.21 46.51
N ILE G 73 0.17 12.64 47.07
CA ILE G 73 0.36 11.48 47.92
C ILE G 73 0.86 10.31 47.08
N MET G 74 0.19 10.04 45.95
CA MET G 74 0.54 8.86 45.17
C MET G 74 1.94 8.95 44.61
N THR G 75 2.35 10.15 44.18
CA THR G 75 3.72 10.33 43.71
C THR G 75 4.72 9.97 44.80
N LYS G 76 4.46 10.39 46.03
CA LYS G 76 5.35 10.02 47.13
C LYS G 76 5.31 8.52 47.37
N ARG G 77 4.14 7.90 47.22
CA ARG G 77 4.02 6.50 47.57
C ARG G 77 4.73 5.60 46.57
N SER G 78 4.83 6.03 45.30
CA SER G 78 5.52 5.25 44.29
C SER G 78 7.00 5.54 44.22
N ASN G 79 7.56 6.17 45.26
CA ASN G 79 8.95 6.63 45.25
C ASN G 79 9.23 7.52 44.05
N TYR G 80 8.26 8.38 43.71
CA TYR G 80 8.40 9.32 42.60
C TYR G 80 8.73 8.59 41.30
N THR G 81 7.97 7.54 41.03
CA THR G 81 8.10 6.84 39.77
C THR G 81 7.46 7.71 38.70
N PRO G 82 8.20 8.17 37.71
CA PRO G 82 7.61 9.02 36.68
C PRO G 82 6.87 8.19 35.64
N ILE G 83 5.97 8.85 34.93
CA ILE G 83 5.26 8.21 33.84
C ILE G 83 6.22 8.03 32.67
N THR G 84 6.06 6.93 31.93
CA THR G 84 6.83 6.73 30.72
C THR G 84 6.04 7.29 29.55
N ASN G 85 6.66 8.20 28.80
CA ASN G 85 6.04 8.77 27.62
C ASN G 85 5.63 7.67 26.65
N VAL G 86 4.39 7.73 26.19
CA VAL G 86 3.94 6.90 25.08
C VAL G 86 3.60 7.85 23.94
N PRO G 87 4.30 7.78 22.81
CA PRO G 87 4.09 8.74 21.73
C PRO G 87 2.79 8.47 20.99
N PRO G 88 2.17 9.49 20.41
CA PRO G 88 0.88 9.30 19.76
C PRO G 88 0.99 8.82 18.32
N GLU G 89 -0.07 8.16 17.89
CA GLU G 89 -0.33 7.93 16.48
C GLU G 89 -1.14 9.10 15.95
N VAL G 90 -0.82 9.58 14.75
CA VAL G 90 -1.46 10.75 14.19
C VAL G 90 -2.02 10.39 12.82
N THR G 91 -3.29 10.73 12.58
CA THR G 91 -3.97 10.49 11.33
C THR G 91 -4.65 11.78 10.88
N VAL G 92 -4.66 12.06 9.59
CA VAL G 92 -5.35 13.22 9.06
C VAL G 92 -6.38 12.73 8.04
N LEU G 93 -7.63 13.16 8.22
CA LEU G 93 -8.72 12.80 7.32
C LEU G 93 -9.59 14.03 7.08
N THR G 94 -10.47 13.92 6.12
CA THR G 94 -11.51 14.92 5.93
C THR G 94 -12.81 14.41 6.54
N ASN G 95 -13.72 15.36 6.81
CA ASN G 95 -15.01 14.98 7.38
C ASN G 95 -15.92 14.33 6.35
N SER G 96 -15.76 14.67 5.08
CA SER G 96 -16.59 14.14 4.01
C SER G 96 -15.75 14.12 2.74
N PRO G 97 -16.21 13.42 1.70
CA PRO G 97 -15.46 13.43 0.44
C PRO G 97 -15.21 14.87 -0.04
N VAL G 98 -13.98 15.12 -0.47
CA VAL G 98 -13.53 16.48 -0.75
C VAL G 98 -13.94 16.87 -2.17
N GLU G 99 -14.54 18.05 -2.31
CA GLU G 99 -14.89 18.61 -3.60
C GLU G 99 -14.39 20.05 -3.68
N LEU G 100 -13.76 20.40 -4.80
CA LEU G 100 -13.20 21.74 -4.96
C LEU G 100 -14.29 22.78 -4.77
N ARG G 101 -13.95 23.87 -4.07
CA ARG G 101 -14.82 24.98 -3.71
C ARG G 101 -15.94 24.59 -2.75
N GLU G 102 -15.93 23.37 -2.24
CA GLU G 102 -16.99 22.96 -1.33
C GLU G 102 -16.41 22.86 0.07
N PRO G 103 -16.79 23.74 0.98
CA PRO G 103 -16.15 23.79 2.30
C PRO G 103 -16.09 22.41 2.94
N ASN G 104 -15.01 22.18 3.69
CA ASN G 104 -14.80 20.90 4.33
C ASN G 104 -14.00 21.14 5.59
N VAL G 105 -13.65 20.05 6.27
CA VAL G 105 -12.92 20.12 7.53
C VAL G 105 -11.84 19.06 7.52
N LEU G 106 -10.61 19.47 7.82
CA LEU G 106 -9.52 18.55 8.08
C LEU G 106 -9.55 18.18 9.55
N ILE G 107 -9.42 16.89 9.83
CA ILE G 107 -9.37 16.34 11.18
C ILE G 107 -7.98 15.74 11.41
N CYS G 108 -7.35 16.15 12.49
CA CYS G 108 -6.10 15.57 12.96
C CYS G 108 -6.45 14.76 14.19
N PHE G 109 -6.54 13.43 14.02
CA PHE G 109 -6.73 12.48 15.11
C PHE G 109 -5.38 12.19 15.74
N ILE G 110 -5.25 12.48 17.03
CA ILE G 110 -4.06 12.11 17.82
C ILE G 110 -4.52 11.08 18.85
N ASP G 111 -3.87 9.90 18.85
CA ASP G 111 -4.40 8.76 19.58
C ASP G 111 -3.29 8.01 20.31
N LYS G 112 -3.68 7.32 21.38
CA LYS G 112 -2.84 6.33 22.08
C LYS G 112 -1.57 6.95 22.65
N PHE G 113 -1.71 8.06 23.37
CA PHE G 113 -0.55 8.71 23.94
C PHE G 113 -0.79 9.09 25.39
N THR G 114 0.30 9.38 26.08
CA THR G 114 0.33 9.91 27.43
C THR G 114 1.75 10.39 27.69
N PRO G 115 1.96 11.40 28.57
CA PRO G 115 0.96 12.16 29.34
C PRO G 115 0.10 13.06 28.45
N PRO G 116 -1.00 13.63 29.01
CA PRO G 116 -1.88 14.50 28.19
C PRO G 116 -1.34 15.91 27.99
N VAL G 117 -0.26 16.00 27.22
CA VAL G 117 0.35 17.26 26.81
C VAL G 117 0.84 17.09 25.39
N VAL G 118 0.34 17.92 24.47
CA VAL G 118 0.72 17.85 23.06
C VAL G 118 0.71 19.26 22.51
N ASN G 119 1.53 19.48 21.48
CA ASN G 119 1.53 20.76 20.78
C ASN G 119 1.16 20.50 19.33
N VAL G 120 0.04 21.05 18.89
CA VAL G 120 -0.51 20.75 17.58
C VAL G 120 -0.54 22.04 16.77
N THR G 121 -0.09 21.94 15.52
CA THR G 121 -0.09 23.06 14.60
C THR G 121 -0.62 22.60 13.26
N TRP G 122 -1.53 23.37 12.67
CA TRP G 122 -1.91 23.19 11.29
C TRP G 122 -0.99 24.02 10.39
N LEU G 123 -0.52 23.41 9.31
CA LEU G 123 0.38 24.06 8.36
C LEU G 123 -0.26 24.00 6.98
N ARG G 124 -0.47 25.16 6.37
CA ARG G 124 -0.89 25.24 4.97
C ARG G 124 0.29 25.77 4.16
N ASN G 125 0.73 24.98 3.18
CA ASN G 125 1.89 25.34 2.37
C ASN G 125 3.10 25.67 3.24
N GLY G 126 3.28 24.88 4.31
CA GLY G 126 4.40 25.04 5.20
C GLY G 126 4.27 26.16 6.20
N LYS G 127 3.19 26.97 6.13
CA LYS G 127 3.05 28.10 7.05
C LYS G 127 1.92 27.84 8.05
N PRO G 128 2.10 28.24 9.31
CA PRO G 128 1.08 27.97 10.33
C PRO G 128 -0.24 28.68 10.03
N VAL G 129 -1.34 28.00 10.34
CA VAL G 129 -2.69 28.51 10.16
C VAL G 129 -3.39 28.54 11.51
N THR G 130 -3.99 29.68 11.84
CA THR G 130 -4.72 29.82 13.09
C THR G 130 -6.18 30.24 12.85
N THR G 131 -6.65 30.22 11.61
CA THR G 131 -7.98 30.70 11.30
C THR G 131 -8.94 29.52 11.26
N GLY G 132 -9.99 29.61 12.06
CA GLY G 132 -11.00 28.57 12.12
C GLY G 132 -10.60 27.33 12.88
N VAL G 133 -9.38 27.23 13.38
CA VAL G 133 -8.97 25.98 14.04
C VAL G 133 -9.74 25.83 15.36
N SER G 134 -10.02 24.58 15.72
CA SER G 134 -10.67 24.30 16.99
C SER G 134 -10.15 22.96 17.48
N GLU G 135 -10.39 22.68 18.76
CA GLU G 135 -9.78 21.47 19.31
C GLU G 135 -10.58 20.96 20.49
N THR G 136 -10.43 19.66 20.75
CA THR G 136 -11.09 19.01 21.87
C THR G 136 -10.12 18.91 23.04
N VAL G 137 -10.66 18.59 24.22
CA VAL G 137 -9.84 18.26 25.37
C VAL G 137 -9.32 16.84 25.17
N PHE G 138 -8.61 16.32 26.17
CA PHE G 138 -8.06 14.97 26.08
C PHE G 138 -9.15 13.94 26.40
N LEU G 139 -9.36 13.03 25.51
CA LEU G 139 -10.43 12.08 25.79
C LEU G 139 -9.87 10.79 26.36
N PRO G 140 -10.61 10.13 27.24
CA PRO G 140 -10.10 8.92 27.88
C PRO G 140 -10.12 7.70 26.97
N ARG G 141 -9.23 6.76 27.27
CA ARG G 141 -9.13 5.48 26.60
C ARG G 141 -9.13 4.35 27.63
N GLU G 142 -9.66 3.19 27.22
CA GLU G 142 -9.73 2.07 28.16
C GLU G 142 -8.34 1.62 28.60
N ASP G 143 -7.31 1.83 27.78
CA ASP G 143 -5.95 1.53 28.20
C ASP G 143 -5.29 2.70 28.94
N HIS G 144 -6.07 3.71 29.32
CA HIS G 144 -5.65 4.84 30.14
C HIS G 144 -4.67 5.76 29.41
N LEU G 145 -4.53 5.60 28.11
CA LEU G 145 -3.87 6.60 27.27
C LEU G 145 -4.93 7.63 26.89
N PHE G 146 -4.59 8.54 25.98
CA PHE G 146 -5.49 9.64 25.66
C PHE G 146 -5.65 9.76 24.16
N ARG G 147 -6.79 10.37 23.81
CA ARG G 147 -7.19 10.69 22.44
C ARG G 147 -7.46 12.19 22.38
N LYS G 148 -7.26 12.78 21.21
CA LYS G 148 -7.49 14.21 21.00
C LYS G 148 -7.79 14.43 19.53
N PHE G 149 -8.62 15.45 19.25
CA PHE G 149 -8.96 15.82 17.89
C PHE G 149 -8.67 17.30 17.69
N HIS G 150 -8.05 17.63 16.55
CA HIS G 150 -7.96 19.03 16.12
C HIS G 150 -8.64 19.18 14.77
N TYR G 151 -9.24 20.34 14.55
CA TYR G 151 -10.05 20.57 13.36
C TYR G 151 -9.63 21.86 12.69
N LEU G 152 -9.66 21.83 11.35
CA LEU G 152 -9.34 22.98 10.51
C LEU G 152 -10.34 23.05 9.36
N PRO G 153 -11.32 23.95 9.43
CA PRO G 153 -12.16 24.19 8.26
C PRO G 153 -11.34 24.77 7.12
N PHE G 154 -11.68 24.38 5.90
CA PHE G 154 -10.91 24.85 4.76
C PHE G 154 -11.75 24.77 3.50
N LEU G 155 -11.29 25.53 2.49
CA LEU G 155 -11.88 25.56 1.17
C LEU G 155 -10.97 24.76 0.24
N PRO G 156 -11.35 23.55 -0.16
CA PRO G 156 -10.44 22.69 -0.93
C PRO G 156 -9.97 23.34 -2.22
N SER G 157 -8.68 23.16 -2.52
CA SER G 157 -8.12 23.72 -3.74
C SER G 157 -7.00 22.84 -4.26
N THR G 158 -6.74 22.95 -5.56
CA THR G 158 -5.63 22.24 -6.17
C THR G 158 -4.29 22.89 -5.86
N GLU G 159 -4.29 24.06 -5.23
CA GLU G 159 -3.09 24.83 -5.01
C GLU G 159 -2.57 24.74 -3.58
N ASP G 160 -3.29 24.10 -2.66
CA ASP G 160 -2.92 24.06 -1.26
C ASP G 160 -2.56 22.64 -0.85
N VAL G 161 -1.53 22.52 -0.01
CA VAL G 161 -1.21 21.29 0.68
C VAL G 161 -1.30 21.58 2.18
N TYR G 162 -1.59 20.54 2.97
CA TYR G 162 -1.78 20.71 4.39
C TYR G 162 -0.97 19.69 5.18
N ASP G 163 -0.61 20.09 6.40
CA ASP G 163 0.04 19.22 7.37
C ASP G 163 -0.53 19.46 8.75
N CYS G 164 -0.66 18.38 9.52
CA CYS G 164 -0.83 18.44 10.96
C CYS G 164 0.48 18.07 11.63
N ARG G 165 1.06 19.01 12.40
CA ARG G 165 2.31 18.77 13.10
C ARG G 165 2.03 18.59 14.58
N VAL G 166 2.44 17.45 15.13
CA VAL G 166 2.20 17.10 16.52
C VAL G 166 3.54 16.93 17.22
N GLU G 167 3.69 17.59 18.37
CA GLU G 167 4.85 17.44 19.24
C GLU G 167 4.42 16.82 20.57
N HIS G 168 5.25 15.90 21.06
CA HIS G 168 5.02 15.14 22.28
C HIS G 168 6.36 14.64 22.81
N TRP G 169 6.46 14.52 24.13
CA TRP G 169 7.72 14.14 24.76
C TRP G 169 8.15 12.72 24.39
N GLY G 170 7.22 11.90 23.88
CA GLY G 170 7.54 10.58 23.39
C GLY G 170 8.03 10.53 21.95
N LEU G 171 7.99 11.66 21.24
CA LEU G 171 8.47 11.74 19.87
C LEU G 171 9.91 12.26 19.85
N ASP G 172 10.76 11.59 19.08
CA ASP G 172 12.12 12.10 18.92
C ASP G 172 12.14 13.40 18.12
N GLU G 173 11.18 13.58 17.23
CA GLU G 173 11.07 14.80 16.43
C GLU G 173 9.60 15.03 16.15
N PRO G 174 9.21 16.27 15.80
CA PRO G 174 7.80 16.53 15.48
C PRO G 174 7.29 15.64 14.35
N LEU G 175 6.07 15.15 14.53
CA LEU G 175 5.45 14.25 13.57
C LEU G 175 4.49 15.05 12.69
N LEU G 176 4.70 15.01 11.38
CA LEU G 176 3.86 15.73 10.43
C LEU G 176 3.08 14.73 9.59
N LYS G 177 1.76 14.89 9.57
CA LYS G 177 0.89 14.08 8.72
C LYS G 177 0.29 14.95 7.62
N HIS G 178 0.39 14.48 6.39
CA HIS G 178 0.17 15.29 5.20
C HIS G 178 -1.20 14.98 4.59
N TRP G 179 -1.80 16.00 3.99
CA TRP G 179 -3.01 15.82 3.20
C TRP G 179 -2.96 16.75 1.98
N GLU G 180 -3.48 16.23 0.87
CA GLU G 180 -3.55 16.94 -0.40
C GLU G 180 -4.82 16.54 -1.13
N PHE G 181 -5.32 17.46 -1.95
CA PHE G 181 -6.32 17.07 -2.93
C PHE G 181 -5.61 16.25 -4.01
N ASP G 182 -6.21 15.13 -4.39
CA ASP G 182 -5.60 14.20 -5.35
C ASP G 182 -6.46 14.15 -6.59
N ALA G 183 -6.21 15.06 -7.53
CA ALA G 183 -6.95 15.08 -8.77
C ALA G 183 -6.63 13.87 -9.62
N MET H 4 6.60 22.18 24.26
CA MET H 4 7.16 22.09 25.60
C MET H 4 8.67 21.81 25.56
N GLY H 5 9.04 20.52 25.48
CA GLY H 5 10.44 20.14 25.57
C GLY H 5 11.02 20.35 26.96
N ASP H 6 10.20 20.15 27.99
CA ASP H 6 10.60 20.41 29.37
C ASP H 6 11.48 19.29 29.92
N THR H 7 11.14 18.04 29.59
CA THR H 7 11.85 16.80 29.97
C THR H 7 11.95 16.55 31.47
N ARG H 8 11.41 17.46 32.28
CA ARG H 8 11.23 17.16 33.69
C ARG H 8 10.27 15.97 33.82
N PRO H 9 10.44 15.12 34.82
CA PRO H 9 9.52 13.99 34.96
C PRO H 9 8.09 14.44 35.23
N ARG H 10 7.14 13.64 34.77
CA ARG H 10 5.72 13.92 34.91
C ARG H 10 5.06 12.83 35.75
N PHE H 11 4.05 13.23 36.53
CA PHE H 11 3.30 12.34 37.41
C PHE H 11 1.82 12.60 37.19
N LEU H 12 1.07 11.56 36.87
CA LEU H 12 -0.31 11.69 36.42
C LEU H 12 -1.27 10.85 37.27
N TRP H 13 -2.39 11.46 37.65
CA TRP H 13 -3.43 10.76 38.40
C TRP H 13 -4.75 10.95 37.68
N GLN H 14 -5.42 9.83 37.35
CA GLN H 14 -6.71 9.83 36.69
C GLN H 14 -7.75 9.21 37.59
N LEU H 15 -8.96 9.73 37.51
CA LEU H 15 -10.12 9.19 38.19
C LEU H 15 -11.21 9.04 37.15
N LYS H 16 -11.75 7.83 37.01
CA LYS H 16 -12.76 7.54 36.01
C LYS H 16 -13.97 6.88 36.66
N PHE H 17 -15.16 7.44 36.43
CA PHE H 17 -16.41 6.80 36.78
C PHE H 17 -17.06 6.29 35.50
N GLU H 18 -17.07 4.98 35.31
CA GLU H 18 -17.64 4.37 34.12
C GLU H 18 -18.99 3.78 34.47
N CYS H 19 -20.04 4.29 33.84
CA CYS H 19 -21.37 3.72 33.97
C CYS H 19 -21.68 2.91 32.70
N HIS H 20 -21.83 1.60 32.88
CA HIS H 20 -22.14 0.69 31.78
C HIS H 20 -23.61 0.29 31.86
N PHE H 21 -24.33 0.44 30.75
CA PHE H 21 -25.78 0.23 30.70
C PHE H 21 -26.11 -0.91 29.73
N PHE H 22 -27.02 -1.79 30.16
CA PHE H 22 -27.45 -2.93 29.34
C PHE H 22 -28.98 -2.99 29.31
N ASN H 23 -29.52 -3.20 28.09
CA ASN H 23 -30.96 -3.29 27.86
C ASN H 23 -31.66 -2.01 28.32
N GLY H 24 -31.23 -0.90 27.74
CA GLY H 24 -31.65 0.40 28.23
C GLY H 24 -30.98 0.63 29.56
N THR H 25 -31.75 0.60 30.64
CA THR H 25 -31.21 0.68 31.99
C THR H 25 -31.60 -0.55 32.81
N GLU H 26 -31.97 -1.65 32.16
CA GLU H 26 -32.36 -2.84 32.90
C GLU H 26 -31.23 -3.34 33.77
N ARG H 27 -29.98 -3.24 33.29
CA ARG H 27 -28.82 -3.66 34.06
C ARG H 27 -27.77 -2.55 34.02
N VAL H 28 -27.27 -2.14 35.17
CA VAL H 28 -26.29 -1.06 35.26
C VAL H 28 -25.12 -1.51 36.12
N ARG H 29 -23.91 -1.24 35.64
CA ARG H 29 -22.68 -1.54 36.36
C ARG H 29 -21.83 -0.29 36.45
N LEU H 30 -21.37 0.04 37.66
CA LEU H 30 -20.50 1.17 37.88
C LEU H 30 -19.09 0.68 38.14
N LEU H 31 -18.12 1.27 37.45
CA LEU H 31 -16.70 0.94 37.62
C LEU H 31 -15.96 2.24 37.88
N GLU H 32 -15.52 2.43 39.12
CA GLU H 32 -14.72 3.58 39.50
C GLU H 32 -13.25 3.16 39.51
N ARG H 33 -12.41 3.86 38.76
CA ARG H 33 -11.03 3.46 38.57
C ARG H 33 -10.09 4.61 38.90
N CYS H 34 -9.06 4.33 39.68
CA CYS H 34 -8.00 5.28 39.95
C CYS H 34 -6.74 4.78 39.26
N ILE H 35 -6.14 5.62 38.42
CA ILE H 35 -4.99 5.25 37.61
C ILE H 35 -3.83 6.17 37.94
N TYR H 36 -2.72 5.59 38.36
CA TYR H 36 -1.48 6.34 38.54
C TYR H 36 -0.60 6.12 37.31
N ASN H 37 -0.19 7.23 36.68
CA ASN H 37 0.52 7.20 35.41
C ASN H 37 -0.26 6.37 34.40
N GLN H 38 0.15 5.12 34.18
CA GLN H 38 -0.56 4.24 33.27
C GLN H 38 -0.97 2.92 33.91
N GLU H 39 -0.91 2.79 35.24
CA GLU H 39 -1.31 1.56 35.92
C GLU H 39 -2.53 1.85 36.79
N GLU H 40 -3.59 1.09 36.55
CA GLU H 40 -4.77 1.13 37.42
C GLU H 40 -4.40 0.54 38.77
N SER H 41 -4.65 1.28 39.84
CA SER H 41 -4.21 0.91 41.18
C SER H 41 -5.33 0.39 42.07
N VAL H 42 -6.52 0.98 41.98
CA VAL H 42 -7.64 0.61 42.84
C VAL H 42 -8.93 0.91 42.09
N ARG H 43 -9.94 0.07 42.31
CA ARG H 43 -11.21 0.23 41.62
C ARG H 43 -12.36 -0.12 42.56
N PHE H 44 -13.54 0.36 42.20
CA PHE H 44 -14.79 -0.05 42.81
C PHE H 44 -15.71 -0.56 41.71
N ASP H 45 -16.05 -1.84 41.79
CA ASP H 45 -16.89 -2.51 40.82
C ASP H 45 -18.22 -2.82 41.52
N SER H 46 -19.30 -2.21 41.03
CA SER H 46 -20.60 -2.38 41.68
C SER H 46 -21.03 -3.83 41.74
N ASP H 47 -20.52 -4.68 40.84
CA ASP H 47 -20.79 -6.11 40.92
C ASP H 47 -20.03 -6.78 42.06
N VAL H 48 -18.94 -6.17 42.52
CA VAL H 48 -18.20 -6.68 43.68
C VAL H 48 -18.75 -6.13 44.98
N GLY H 49 -19.10 -4.84 45.00
CA GLY H 49 -19.69 -4.20 46.15
C GLY H 49 -18.72 -3.55 47.10
N GLU H 50 -17.42 -3.63 46.83
CA GLU H 50 -16.42 -2.97 47.66
C GLU H 50 -15.19 -2.67 46.82
N TYR H 51 -14.35 -1.77 47.34
CA TYR H 51 -13.14 -1.41 46.64
C TYR H 51 -12.15 -2.57 46.64
N ARG H 52 -11.46 -2.75 45.52
CA ARG H 52 -10.43 -3.76 45.37
C ARG H 52 -9.16 -3.14 44.81
N ALA H 53 -8.03 -3.58 45.34
CA ALA H 53 -6.73 -3.11 44.86
C ALA H 53 -6.40 -3.82 43.55
N VAL H 54 -6.05 -3.06 42.52
CA VAL H 54 -5.63 -3.66 41.26
C VAL H 54 -4.14 -3.94 41.29
N THR H 55 -3.34 -3.01 41.82
CA THR H 55 -1.92 -3.22 42.04
C THR H 55 -1.62 -2.98 43.51
N GLU H 56 -0.47 -3.46 43.96
CA GLU H 56 -0.09 -3.24 45.35
C GLU H 56 -0.06 -1.76 45.72
N LEU H 57 0.25 -0.89 44.74
CA LEU H 57 0.28 0.55 44.99
C LEU H 57 -1.05 1.07 45.54
N GLY H 58 -2.16 0.46 45.15
CA GLY H 58 -3.49 0.86 45.57
C GLY H 58 -3.99 0.18 46.83
N ARG H 59 -3.21 -0.74 47.40
CA ARG H 59 -3.71 -1.50 48.54
C ARG H 59 -4.03 -0.62 49.75
N PRO H 60 -3.23 0.38 50.13
CA PRO H 60 -3.63 1.24 51.25
C PRO H 60 -4.98 1.90 51.03
N ASP H 61 -5.28 2.30 49.79
CA ASP H 61 -6.52 3.03 49.53
C ASP H 61 -7.74 2.13 49.66
N ALA H 62 -7.68 0.92 49.09
CA ALA H 62 -8.83 0.03 49.14
C ALA H 62 -9.24 -0.23 50.58
N GLU H 63 -8.26 -0.58 51.42
CA GLU H 63 -8.58 -0.86 52.81
C GLU H 63 -9.13 0.40 53.48
N TYR H 64 -8.51 1.55 53.22
CA TYR H 64 -8.99 2.79 53.83
C TYR H 64 -10.41 3.09 53.38
N TRP H 65 -10.69 2.88 52.09
CA TRP H 65 -12.03 3.18 51.61
C TRP H 65 -13.02 2.13 52.10
N ASN H 66 -12.57 0.88 52.27
CA ASN H 66 -13.49 -0.15 52.73
C ASN H 66 -13.85 0.01 54.21
N SER H 67 -13.09 0.81 54.96
CA SER H 67 -13.42 1.08 56.36
C SER H 67 -14.46 2.19 56.51
N GLN H 68 -14.92 2.79 55.42
CA GLN H 68 -15.91 3.87 55.49
C GLN H 68 -17.24 3.30 55.02
N LYS H 69 -18.04 2.85 55.99
CA LYS H 69 -19.30 2.17 55.70
C LYS H 69 -20.27 3.09 54.93
N ASP H 70 -20.30 4.37 55.27
CA ASP H 70 -21.18 5.31 54.62
C ASP H 70 -20.81 5.52 53.15
N LEU H 71 -19.51 5.72 52.87
CA LEU H 71 -19.06 5.81 51.48
C LEU H 71 -19.40 4.52 50.73
N LEU H 72 -19.27 3.37 51.40
CA LEU H 72 -19.55 2.11 50.74
C LEU H 72 -21.01 2.03 50.32
N GLU H 73 -21.94 2.37 51.23
CA GLU H 73 -23.36 2.36 50.86
C GLU H 73 -23.65 3.38 49.77
N GLN H 74 -23.04 4.55 49.85
CA GLN H 74 -23.24 5.57 48.82
C GLN H 74 -22.83 5.04 47.45
N ARG H 75 -21.65 4.39 47.36
CA ARG H 75 -21.21 3.88 46.08
C ARG H 75 -22.06 2.69 45.62
N ARG H 76 -22.52 1.85 46.56
CA ARG H 76 -23.45 0.78 46.20
C ARG H 76 -24.75 1.33 45.61
N ALA H 77 -25.22 2.48 46.11
CA ALA H 77 -26.44 3.08 45.58
C ALA H 77 -26.19 3.98 44.37
N ALA H 78 -24.92 4.19 44.01
CA ALA H 78 -24.61 5.10 42.92
C ALA H 78 -25.12 4.61 41.57
N VAL H 79 -25.41 3.31 41.42
CA VAL H 79 -25.95 2.84 40.15
C VAL H 79 -27.25 3.55 39.81
N ASP H 80 -28.04 3.89 40.84
CA ASP H 80 -29.27 4.66 40.63
C ASP H 80 -29.02 6.15 40.80
N THR H 81 -28.37 6.56 41.90
CA THR H 81 -28.23 7.98 42.17
C THR H 81 -27.31 8.66 41.16
N TYR H 82 -26.36 7.94 40.58
CA TYR H 82 -25.38 8.51 39.67
C TYR H 82 -25.55 8.05 38.23
N CYS H 83 -25.43 6.74 37.98
CA CYS H 83 -25.49 6.22 36.62
C CYS H 83 -26.87 6.43 35.99
N ARG H 84 -27.91 5.84 36.59
CA ARG H 84 -29.24 5.92 35.98
C ARG H 84 -29.69 7.38 35.86
N HIS H 85 -29.38 8.21 36.85
CA HIS H 85 -29.75 9.62 36.78
C HIS H 85 -29.10 10.31 35.58
N ASN H 86 -27.79 10.15 35.43
CA ASN H 86 -27.09 10.85 34.36
C ASN H 86 -27.49 10.30 33.00
N TYR H 87 -27.79 9.01 32.93
CA TYR H 87 -28.36 8.44 31.71
C TYR H 87 -29.63 9.19 31.34
N GLY H 88 -30.52 9.39 32.32
CA GLY H 88 -31.76 10.09 32.03
C GLY H 88 -31.56 11.54 31.65
N VAL H 89 -30.60 12.21 32.28
CA VAL H 89 -30.34 13.63 32.02
C VAL H 89 -30.05 13.89 30.55
N GLY H 90 -29.16 13.11 29.96
CA GLY H 90 -28.74 13.33 28.58
C GLY H 90 -29.39 12.44 27.55
N GLU H 91 -30.40 11.65 27.92
CA GLU H 91 -30.94 10.64 27.01
C GLU H 91 -31.44 11.25 25.69
N SER H 92 -32.09 12.42 25.74
CA SER H 92 -32.75 12.93 24.54
C SER H 92 -31.74 13.28 23.45
N PHE H 93 -30.54 13.70 23.81
CA PHE H 93 -29.54 14.09 22.83
C PHE H 93 -28.35 13.15 22.76
N THR H 94 -28.41 11.98 23.42
CA THR H 94 -27.37 10.97 23.28
C THR H 94 -27.96 9.66 22.78
N VAL H 95 -28.65 8.90 23.62
CA VAL H 95 -29.26 7.64 23.21
C VAL H 95 -30.18 7.84 22.01
N GLN H 96 -30.95 8.92 22.01
CA GLN H 96 -31.91 9.22 20.95
C GLN H 96 -31.31 10.04 19.81
N ARG H 97 -30.01 10.33 19.85
CA ARG H 97 -29.39 11.08 18.78
C ARG H 97 -29.34 10.25 17.49
N ARG H 98 -29.83 10.84 16.39
CA ARG H 98 -29.87 10.18 15.10
C ARG H 98 -29.50 11.19 14.02
N VAL H 99 -28.40 10.94 13.31
CA VAL H 99 -28.01 11.77 12.15
C VAL H 99 -27.81 10.86 10.95
N GLU H 100 -28.49 11.18 9.85
CA GLU H 100 -28.49 10.32 8.67
C GLU H 100 -27.14 10.39 7.94
N PRO H 101 -26.65 9.29 7.41
CA PRO H 101 -25.37 9.31 6.70
C PRO H 101 -25.48 9.85 5.27
N LYS H 102 -24.39 10.45 4.82
CA LYS H 102 -24.21 10.84 3.42
C LYS H 102 -23.39 9.74 2.74
N VAL H 103 -23.99 9.12 1.73
CA VAL H 103 -23.37 8.01 1.01
C VAL H 103 -22.97 8.50 -0.37
N THR H 104 -21.68 8.36 -0.68
CA THR H 104 -21.14 8.66 -2.00
C THR H 104 -20.39 7.45 -2.54
N VAL H 105 -20.36 7.32 -3.85
CA VAL H 105 -19.61 6.25 -4.51
C VAL H 105 -18.76 6.87 -5.60
N TYR H 106 -17.47 6.52 -5.62
CA TYR H 106 -16.56 7.08 -6.62
C TYR H 106 -15.39 6.13 -6.82
N PRO H 107 -14.82 6.06 -8.02
CA PRO H 107 -13.61 5.26 -8.22
C PRO H 107 -12.40 5.91 -7.57
N SER H 108 -11.53 5.09 -7.00
CA SER H 108 -10.35 5.62 -6.33
C SER H 108 -9.41 6.32 -7.29
N LYS H 109 -9.24 5.78 -8.49
CA LYS H 109 -8.39 6.34 -9.51
C LYS H 109 -9.14 6.33 -10.82
N THR H 110 -8.80 7.26 -11.71
CA THR H 110 -9.45 7.34 -13.02
C THR H 110 -8.76 6.35 -13.95
N GLN H 111 -9.26 5.05 -13.89
CA GLN H 111 -8.85 3.84 -14.60
C GLN H 111 -9.74 3.59 -15.81
N PRO H 112 -9.21 2.98 -16.86
CA PRO H 112 -10.04 2.53 -17.97
C PRO H 112 -10.78 1.25 -17.58
N LEU H 113 -11.67 0.84 -18.46
CA LEU H 113 -12.39 -0.40 -18.19
C LEU H 113 -11.44 -1.59 -18.37
N GLN H 114 -11.88 -2.75 -17.89
CA GLN H 114 -11.10 -3.99 -17.96
C GLN H 114 -9.79 -3.89 -17.19
N HIS H 115 -9.69 -2.97 -16.23
CA HIS H 115 -8.49 -2.76 -15.44
C HIS H 115 -8.86 -2.64 -13.97
N HIS H 116 -7.99 -3.14 -13.09
CA HIS H 116 -8.33 -3.18 -11.68
C HIS H 116 -8.58 -1.78 -11.14
N ASN H 117 -9.54 -1.66 -10.24
CA ASN H 117 -9.84 -0.40 -9.62
C ASN H 117 -10.44 -0.63 -8.24
N LEU H 118 -10.24 0.34 -7.36
CA LEU H 118 -10.87 0.35 -6.04
C LEU H 118 -12.07 1.28 -6.12
N LEU H 119 -13.27 0.73 -5.97
CA LEU H 119 -14.49 1.51 -5.88
C LEU H 119 -14.75 1.89 -4.43
N VAL H 120 -14.88 3.18 -4.15
CA VAL H 120 -15.02 3.70 -2.80
C VAL H 120 -16.49 3.99 -2.53
N CYS H 121 -17.03 3.42 -1.45
CA CYS H 121 -18.29 3.83 -0.87
C CYS H 121 -17.98 4.60 0.42
N SER H 122 -18.22 5.90 0.40
CA SER H 122 -17.99 6.78 1.53
C SER H 122 -19.31 7.00 2.25
N VAL H 123 -19.34 6.71 3.55
CA VAL H 123 -20.52 6.89 4.39
C VAL H 123 -20.10 7.82 5.52
N SER H 124 -20.56 9.07 5.50
CA SER H 124 -20.02 10.07 6.40
C SER H 124 -21.10 10.82 7.14
N GLY H 125 -20.72 11.37 8.30
CA GLY H 125 -21.54 12.31 9.04
C GLY H 125 -22.69 11.72 9.82
N PHE H 126 -22.63 10.44 10.16
CA PHE H 126 -23.79 9.78 10.76
C PHE H 126 -23.58 9.54 12.25
N TYR H 127 -24.71 9.30 12.95
CA TYR H 127 -24.75 9.00 14.37
C TYR H 127 -26.02 8.19 14.65
N PRO H 128 -25.93 7.10 15.43
CA PRO H 128 -24.72 6.61 16.11
C PRO H 128 -23.81 5.77 15.21
N GLY H 129 -22.86 5.09 15.84
CA GLY H 129 -21.82 4.41 15.07
C GLY H 129 -22.28 3.15 14.37
N SER H 130 -23.25 2.44 14.95
CA SER H 130 -23.68 1.16 14.40
C SER H 130 -24.19 1.33 12.97
N ILE H 131 -23.65 0.53 12.05
CA ILE H 131 -23.96 0.68 10.64
C ILE H 131 -23.52 -0.59 9.91
N GLU H 132 -24.18 -0.89 8.79
CA GLU H 132 -23.85 -2.03 7.95
C GLU H 132 -23.77 -1.58 6.49
N VAL H 133 -22.64 -1.86 5.85
CA VAL H 133 -22.41 -1.50 4.46
C VAL H 133 -22.16 -2.78 3.66
N ARG H 134 -22.85 -2.91 2.53
CA ARG H 134 -22.72 -4.09 1.69
C ARG H 134 -22.56 -3.67 0.24
N TRP H 135 -21.75 -4.40 -0.50
CA TRP H 135 -21.51 -4.14 -1.91
C TRP H 135 -22.24 -5.16 -2.77
N PHE H 136 -22.69 -4.72 -3.94
CA PHE H 136 -23.39 -5.55 -4.90
C PHE H 136 -22.86 -5.28 -6.29
N ARG H 137 -22.67 -6.33 -7.08
CA ARG H 137 -22.34 -6.19 -8.49
C ARG H 137 -23.49 -6.79 -9.30
N ASN H 138 -24.17 -5.93 -10.06
CA ASN H 138 -25.32 -6.34 -10.87
C ASN H 138 -26.37 -7.05 -10.03
N GLY H 139 -26.50 -6.65 -8.77
CA GLY H 139 -27.43 -7.29 -7.88
C GLY H 139 -26.88 -8.49 -7.12
N GLN H 140 -25.62 -8.88 -7.36
CA GLN H 140 -25.00 -9.98 -6.64
C GLN H 140 -24.20 -9.39 -5.49
N GLU H 141 -24.47 -9.83 -4.26
CA GLU H 141 -23.69 -9.31 -3.14
C GLU H 141 -22.24 -9.74 -3.28
N GLU H 142 -21.34 -8.76 -3.34
CA GLU H 142 -19.91 -9.03 -3.45
C GLU H 142 -19.30 -8.94 -2.07
N LYS H 143 -19.06 -10.11 -1.45
CA LYS H 143 -18.49 -10.19 -0.12
C LYS H 143 -16.97 -10.24 -0.12
N ALA H 144 -16.35 -10.47 -1.27
CA ALA H 144 -14.91 -10.63 -1.40
C ALA H 144 -14.28 -9.32 -1.87
N GLY H 145 -12.97 -9.21 -1.65
CA GLY H 145 -12.24 -8.01 -2.08
C GLY H 145 -12.75 -6.72 -1.49
N VAL H 146 -13.22 -6.74 -0.24
CA VAL H 146 -13.74 -5.55 0.44
C VAL H 146 -12.67 -5.05 1.41
N VAL H 147 -12.21 -3.83 1.18
CA VAL H 147 -11.21 -3.17 2.02
C VAL H 147 -11.91 -2.07 2.79
N SER H 148 -12.04 -2.24 4.10
CA SER H 148 -12.80 -1.29 4.90
C SER H 148 -11.89 -0.58 5.88
N THR H 149 -12.11 0.73 6.03
CA THR H 149 -11.43 1.46 7.09
C THR H 149 -12.00 1.15 8.46
N GLY H 150 -13.19 0.57 8.51
CA GLY H 150 -13.86 0.37 9.77
C GLY H 150 -14.51 1.66 10.23
N LEU H 151 -15.04 1.62 11.44
CA LEU H 151 -15.73 2.77 11.99
C LEU H 151 -14.72 3.80 12.49
N ILE H 152 -14.84 5.03 12.01
CA ILE H 152 -13.97 6.13 12.43
C ILE H 152 -14.81 7.13 13.20
N GLN H 153 -14.44 7.35 14.46
CA GLN H 153 -15.07 8.35 15.29
C GLN H 153 -14.44 9.71 15.01
N ASN H 154 -15.24 10.67 14.54
CA ASN H 154 -14.70 11.96 14.15
C ASN H 154 -14.44 12.89 15.33
N GLY H 155 -14.98 12.59 16.51
CA GLY H 155 -14.80 13.44 17.67
C GLY H 155 -15.84 14.53 17.83
N ASP H 156 -16.75 14.70 16.87
CA ASP H 156 -17.75 15.75 16.93
C ASP H 156 -19.16 15.16 16.96
N TRP H 157 -19.29 13.94 17.47
CA TRP H 157 -20.55 13.20 17.54
C TRP H 157 -21.05 12.81 16.16
N THR H 158 -20.14 12.59 15.21
CA THR H 158 -20.47 11.98 13.93
C THR H 158 -19.45 10.89 13.63
N PHE H 159 -19.85 9.91 12.82
CA PHE H 159 -18.95 8.86 12.38
C PHE H 159 -18.80 8.89 10.86
N GLN H 160 -17.75 8.24 10.38
CA GLN H 160 -17.58 8.01 8.96
C GLN H 160 -16.89 6.67 8.75
N THR H 161 -17.07 6.11 7.57
CA THR H 161 -16.38 4.90 7.17
C THR H 161 -16.25 4.86 5.65
N LEU H 162 -15.14 4.29 5.19
CA LEU H 162 -14.88 4.09 3.77
C LEU H 162 -14.79 2.60 3.51
N VAL H 163 -15.69 2.08 2.69
CA VAL H 163 -15.74 0.66 2.34
C VAL H 163 -15.47 0.55 0.84
N MET H 164 -14.37 -0.09 0.49
CA MET H 164 -13.91 -0.16 -0.89
C MET H 164 -14.08 -1.57 -1.42
N LEU H 165 -14.41 -1.67 -2.70
CA LEU H 165 -14.53 -2.94 -3.39
C LEU H 165 -13.50 -3.02 -4.50
N GLU H 166 -12.72 -4.10 -4.52
CA GLU H 166 -11.81 -4.35 -5.61
C GLU H 166 -12.62 -4.86 -6.79
N THR H 167 -12.44 -4.24 -7.95
CA THR H 167 -13.23 -4.56 -9.12
C THR H 167 -12.34 -4.58 -10.34
N VAL H 168 -12.78 -5.33 -11.35
CA VAL H 168 -12.25 -5.19 -12.70
C VAL H 168 -13.47 -4.88 -13.55
N PRO H 169 -13.82 -3.60 -13.70
CA PRO H 169 -15.12 -3.25 -14.27
C PRO H 169 -15.22 -3.66 -15.74
N ARG H 170 -16.35 -4.28 -16.09
CA ARG H 170 -16.71 -4.62 -17.45
C ARG H 170 -17.83 -3.71 -17.91
N SER H 171 -17.86 -3.43 -19.21
CA SER H 171 -18.83 -2.49 -19.74
C SER H 171 -20.26 -2.93 -19.41
N GLY H 172 -21.10 -1.96 -19.05
CA GLY H 172 -22.48 -2.23 -18.71
C GLY H 172 -22.73 -2.70 -17.30
N GLU H 173 -21.69 -2.96 -16.50
CA GLU H 173 -21.91 -3.44 -15.15
C GLU H 173 -22.38 -2.31 -14.24
N VAL H 174 -23.22 -2.66 -13.27
CA VAL H 174 -23.75 -1.71 -12.29
C VAL H 174 -23.37 -2.22 -10.91
N TYR H 175 -22.66 -1.39 -10.15
CA TYR H 175 -22.28 -1.69 -8.78
C TYR H 175 -23.14 -0.87 -7.85
N THR H 176 -23.56 -1.45 -6.73
CA THR H 176 -24.44 -0.79 -5.78
C THR H 176 -23.87 -0.90 -4.37
N CYS H 177 -23.84 0.22 -3.65
CA CYS H 177 -23.49 0.24 -2.24
C CYS H 177 -24.76 0.44 -1.43
N GLN H 178 -25.01 -0.47 -0.49
CA GLN H 178 -26.21 -0.47 0.34
C GLN H 178 -25.81 -0.23 1.78
N VAL H 179 -26.39 0.80 2.40
CA VAL H 179 -26.10 1.21 3.76
C VAL H 179 -27.37 1.02 4.60
N GLU H 180 -27.22 0.39 5.75
CA GLU H 180 -28.27 0.22 6.74
C GLU H 180 -27.81 0.87 8.04
N HIS H 181 -28.68 1.71 8.60
CA HIS H 181 -28.36 2.58 9.73
C HIS H 181 -29.65 2.81 10.52
N PRO H 182 -29.56 2.98 11.83
CA PRO H 182 -30.78 3.19 12.62
C PRO H 182 -31.58 4.43 12.23
N SER H 183 -30.96 5.39 11.54
CA SER H 183 -31.68 6.60 11.17
C SER H 183 -32.67 6.38 10.03
N VAL H 184 -32.60 5.26 9.32
CA VAL H 184 -33.47 4.97 8.19
C VAL H 184 -34.03 3.56 8.33
N THR H 185 -35.31 3.40 7.99
CA THR H 185 -35.95 2.09 8.07
C THR H 185 -35.61 1.23 6.86
N SER H 186 -35.60 1.82 5.66
CA SER H 186 -35.21 1.08 4.48
C SER H 186 -33.80 1.50 4.06
N PRO H 187 -33.02 0.56 3.52
CA PRO H 187 -31.61 0.86 3.25
C PRO H 187 -31.44 1.95 2.21
N LEU H 188 -30.33 2.69 2.34
CA LEU H 188 -29.90 3.66 1.34
C LEU H 188 -29.04 2.96 0.31
N THR H 189 -29.31 3.22 -0.97
CA THR H 189 -28.56 2.58 -2.04
C THR H 189 -28.02 3.62 -3.01
N VAL H 190 -26.72 3.56 -3.27
CA VAL H 190 -26.07 4.42 -4.25
C VAL H 190 -25.35 3.54 -5.26
N GLU H 191 -25.57 3.81 -6.55
CA GLU H 191 -25.02 2.96 -7.57
C GLU H 191 -23.99 3.70 -8.42
N TRP H 192 -23.06 2.91 -8.99
CA TRP H 192 -22.03 3.38 -9.89
C TRP H 192 -22.07 2.52 -11.15
N ARG H 193 -22.19 3.17 -12.31
CA ARG H 193 -22.42 2.48 -13.57
C ARG H 193 -21.12 2.39 -14.36
N ALA H 194 -20.71 1.17 -14.68
CA ALA H 194 -19.49 0.95 -15.45
C ALA H 194 -19.67 1.35 -16.90
N LEU I 1 -35.01 21.72 33.19
CA LEU I 1 -33.64 21.36 32.82
C LEU I 1 -33.03 20.35 33.80
N SER I 2 -32.68 19.17 33.30
CA SER I 2 -32.05 18.15 34.13
C SER I 2 -30.59 18.48 34.45
N TYR I 3 -30.12 18.00 35.60
CA TYR I 3 -28.78 18.30 36.08
C TYR I 3 -27.94 17.04 36.17
N TYR I 4 -26.68 17.12 35.73
CA TYR I 4 -25.73 16.04 35.88
C TYR I 4 -25.25 15.94 37.33
N LYS I 5 -25.23 14.73 37.87
CA LYS I 5 -24.75 14.50 39.22
C LYS I 5 -23.24 14.25 39.22
N LEU I 6 -22.55 14.84 40.18
CA LEU I 6 -21.11 14.70 40.30
C LEU I 6 -20.74 13.42 41.03
N GLY I 7 -19.74 12.70 40.51
CA GLY I 7 -19.07 11.66 41.27
C GLY I 7 -17.91 12.24 42.05
N ALA I 8 -18.07 12.35 43.37
CA ALA I 8 -17.15 13.11 44.19
C ALA I 8 -15.81 12.41 44.38
N SER I 9 -14.71 13.15 44.17
CA SER I 9 -13.38 12.60 44.39
C SER I 9 -13.13 12.41 45.89
N GLN I 10 -12.64 11.23 46.25
CA GLN I 10 -12.32 10.90 47.63
C GLN I 10 -10.81 11.01 47.85
N ARG I 11 -10.44 11.44 49.04
CA ARG I 11 -9.03 11.55 49.42
C ARG I 11 -8.46 10.15 49.65
N VAL I 12 -7.31 9.87 49.04
CA VAL I 12 -6.59 8.60 49.22
C VAL I 12 -6.06 8.50 50.63
N ALA I 13 -5.50 7.34 50.97
CA ALA I 13 -4.98 7.16 52.32
C ALA I 13 -3.80 8.09 52.57
N GLY I 14 -3.64 8.49 53.84
CA GLY I 14 -2.62 9.47 54.19
C GLY I 14 -1.21 8.98 53.90
N ASP I 15 -0.96 7.68 54.07
CA ASP I 15 0.34 7.07 53.85
C ASP I 15 1.41 7.62 54.82
#